data_4P6G
#
_entry.id   4P6G
#
_cell.length_a   67.253
_cell.length_b   67.311
_cell.length_c   67.778
_cell.angle_alpha   100.90
_cell.angle_beta   94.86
_cell.angle_gamma   117.99
#
_symmetry.space_group_name_H-M   'P 1'
#
loop_
_entity.id
_entity.type
_entity.pdbx_description
1 polymer 'Cathepsin S'
2 non-polymer '(3R,4S)-4-[(4-fluorobenzoyl)amino]-6-[4-(oxetan-3-yl)piperazin-1-yl]-3,4-dihydro-2H-chromen-3-yl methylcarbamate'
3 water water
#
_entity_poly.entity_id   1
_entity_poly.type   'polypeptide(L)'
_entity_poly.pdbx_seq_one_letter_code
;ILPDSVDWREKGCVTEVKYQGSCGACWAFSAVGALEAQLKLKTGKLVSLSAQNLVDCSTEKYGNKGCNGGFMTTAFQYII
DNKGIDSDASYPYKAMDQKCQYDSKYRAATCSKYTELPYGREDVLKEAVANKGPVSVGVDARHPSFFLYRSGVYYEPSCT
QNVNHGVLVVGYGDLNGKEYWLVKNSWGHNFGEEGYIRMARNKGNHCGIASFPSYPEIEGHHHHHH
;
_entity_poly.pdbx_strand_id   A,B,C,D
#
loop_
_chem_comp.id
_chem_comp.type
_chem_comp.name
_chem_comp.formula
2FZ non-polymer '(3R,4S)-4-[(4-fluorobenzoyl)amino]-6-[4-(oxetan-3-yl)piperazin-1-yl]-3,4-dihydro-2H-chromen-3-yl methylcarbamate' 'C25 H29 F N4 O5'
#
# COMPACT_ATOMS: atom_id res chain seq x y z
N ILE A 1 7.59 0.77 -12.93
CA ILE A 1 6.55 0.47 -11.90
C ILE A 1 5.97 -0.95 -12.08
N LEU A 2 6.08 -1.74 -11.03
CA LEU A 2 5.53 -3.09 -11.00
C LEU A 2 4.22 -3.07 -10.22
N PRO A 3 3.32 -4.02 -10.48
CA PRO A 3 2.13 -4.03 -9.63
C PRO A 3 2.47 -4.25 -8.15
N ASP A 4 1.66 -3.70 -7.26
CA ASP A 4 1.85 -3.87 -5.80
C ASP A 4 1.82 -5.34 -5.40
N SER A 5 0.93 -6.08 -6.05
N SER A 5 0.95 -6.09 -6.08
CA SER A 5 0.76 -7.52 -5.82
CA SER A 5 0.76 -7.51 -5.84
C SER A 5 0.54 -8.25 -7.14
C SER A 5 0.53 -8.26 -7.15
N VAL A 6 0.93 -9.53 -7.17
CA VAL A 6 0.73 -10.41 -8.33
C VAL A 6 0.25 -11.76 -7.85
N ASP A 7 -0.72 -12.34 -8.57
CA ASP A 7 -1.19 -13.70 -8.32
C ASP A 7 -1.59 -14.39 -9.63
N TRP A 8 -0.66 -15.18 -10.18
CA TRP A 8 -0.85 -15.86 -11.47
C TRP A 8 -1.99 -16.86 -11.45
N ARG A 9 -2.43 -17.28 -10.26
CA ARG A 9 -3.58 -18.18 -10.14
C ARG A 9 -4.81 -17.47 -10.69
N GLU A 10 -4.93 -16.17 -10.44
CA GLU A 10 -6.08 -15.40 -10.92
C GLU A 10 -6.09 -15.21 -12.44
N LYS A 11 -4.93 -15.34 -13.08
CA LYS A 11 -4.79 -15.18 -14.53
C LYS A 11 -4.87 -16.56 -15.22
N GLY A 12 -5.20 -17.58 -14.44
CA GLY A 12 -5.42 -18.96 -14.90
C GLY A 12 -4.19 -19.69 -15.41
N CYS A 13 -3.05 -19.34 -14.83
CA CYS A 13 -1.77 -19.84 -15.34
C CYS A 13 -1.17 -20.91 -14.45
N VAL A 14 -1.92 -21.38 -13.45
CA VAL A 14 -1.42 -22.34 -12.46
C VAL A 14 -2.33 -23.58 -12.36
N THR A 15 -1.75 -24.78 -12.49
CA THR A 15 -2.50 -26.01 -12.42
C THR A 15 -2.70 -26.44 -10.98
N GLU A 16 -3.51 -27.48 -10.78
CA GLU A 16 -3.75 -28.00 -9.43
C GLU A 16 -2.43 -28.38 -8.73
N VAL A 17 -2.44 -28.24 -7.41
CA VAL A 17 -1.29 -28.62 -6.61
C VAL A 17 -1.06 -30.11 -6.72
N LYS A 18 0.20 -30.51 -6.84
CA LYS A 18 0.57 -31.90 -6.97
C LYS A 18 1.17 -32.41 -5.66
N TYR A 19 1.32 -33.73 -5.57
CA TYR A 19 1.76 -34.39 -4.35
C TYR A 19 2.96 -35.29 -4.69
N GLN A 20 4.16 -34.92 -4.23
CA GLN A 20 5.37 -35.64 -4.65
C GLN A 20 5.55 -36.95 -3.90
N GLY A 21 4.94 -37.06 -2.73
CA GLY A 21 5.15 -38.23 -1.87
C GLY A 21 6.60 -38.37 -1.44
N SER A 22 7.07 -39.62 -1.40
CA SER A 22 8.42 -39.96 -0.88
C SER A 22 9.57 -39.63 -1.82
N CYS A 23 9.23 -39.19 -3.02
CA CYS A 23 10.20 -39.01 -4.10
C CYS A 23 10.59 -37.53 -4.17
N GLY A 24 11.89 -37.26 -4.18
CA GLY A 24 12.42 -35.90 -4.24
C GLY A 24 12.37 -35.31 -5.63
N ALA A 25 11.14 -35.18 -6.15
CA ALA A 25 10.93 -34.70 -7.50
C ALA A 25 10.48 -33.24 -7.49
N CYS A 26 10.69 -32.54 -6.37
CA CYS A 26 10.33 -31.12 -6.24
C CYS A 26 10.85 -30.29 -7.43
N TRP A 27 12.09 -30.52 -7.81
CA TRP A 27 12.72 -29.83 -8.98
C TRP A 27 11.92 -30.02 -10.27
N ALA A 28 11.34 -31.20 -10.48
CA ALA A 28 10.59 -31.52 -11.69
C ALA A 28 9.25 -30.81 -11.62
N PHE A 29 8.63 -30.83 -10.44
CA PHE A 29 7.38 -30.14 -10.24
C PHE A 29 7.56 -28.65 -10.47
N SER A 30 8.63 -28.08 -9.93
CA SER A 30 8.93 -26.64 -10.10
C SER A 30 9.07 -26.34 -11.57
N ALA A 31 9.85 -27.15 -12.27
CA ALA A 31 10.08 -26.94 -13.72
C ALA A 31 8.78 -27.03 -14.54
N VAL A 32 7.99 -28.10 -14.37
CA VAL A 32 6.74 -28.16 -15.15
C VAL A 32 5.77 -27.08 -14.78
N GLY A 33 5.76 -26.65 -13.51
CA GLY A 33 4.80 -25.59 -13.16
C GLY A 33 5.19 -24.29 -13.88
N ALA A 34 6.49 -23.99 -14.00
CA ALA A 34 6.90 -22.79 -14.68
C ALA A 34 6.53 -22.85 -16.17
N LEU A 35 6.68 -24.02 -16.78
CA LEU A 35 6.39 -24.16 -18.20
C LEU A 35 4.88 -24.18 -18.49
N GLU A 36 4.10 -24.73 -17.56
CA GLU A 36 2.63 -24.75 -17.64
C GLU A 36 2.08 -23.35 -17.79
N ALA A 37 2.66 -22.41 -17.05
CA ALA A 37 2.22 -21.03 -17.14
C ALA A 37 2.51 -20.48 -18.52
N GLN A 38 3.72 -20.75 -19.03
CA GLN A 38 4.11 -20.22 -20.37
C GLN A 38 3.27 -20.81 -21.47
N LEU A 39 2.92 -22.08 -21.32
CA LEU A 39 2.07 -22.78 -22.29
C LEU A 39 0.71 -22.07 -22.31
N LYS A 40 0.19 -21.76 -21.13
CA LYS A 40 -1.12 -21.09 -21.06
C LYS A 40 -1.08 -19.68 -21.68
N LEU A 41 -0.01 -18.93 -21.42
CA LEU A 41 0.16 -17.58 -21.92
C LEU A 41 0.26 -17.56 -23.44
N LYS A 42 0.85 -18.61 -24.00
CA LYS A 42 1.06 -18.70 -25.44
C LYS A 42 -0.15 -19.24 -26.18
N THR A 43 -0.80 -20.27 -25.63
CA THR A 43 -1.84 -20.99 -26.36
C THR A 43 -3.24 -20.83 -25.80
N GLY A 44 -3.35 -20.25 -24.61
CA GLY A 44 -4.63 -20.20 -23.92
C GLY A 44 -5.05 -21.47 -23.21
N LYS A 45 -4.33 -22.58 -23.42
CA LYS A 45 -4.67 -23.85 -22.77
C LYS A 45 -3.85 -24.12 -21.50
N LEU A 46 -4.52 -24.46 -20.42
CA LEU A 46 -3.85 -24.81 -19.14
C LEU A 46 -3.83 -26.35 -19.00
N VAL A 47 -2.64 -26.94 -19.03
CA VAL A 47 -2.49 -28.39 -19.15
C VAL A 47 -1.39 -28.76 -18.18
N SER A 48 -1.68 -29.64 -17.22
CA SER A 48 -0.64 -30.17 -16.32
C SER A 48 0.39 -30.97 -17.14
N LEU A 49 1.66 -30.67 -16.92
CA LEU A 49 2.73 -31.30 -17.68
C LEU A 49 3.38 -32.41 -16.84
N SER A 50 4.05 -33.34 -17.52
CA SER A 50 4.51 -34.57 -16.83
C SER A 50 5.81 -34.38 -16.02
N ALA A 51 5.66 -34.24 -14.70
CA ALA A 51 6.83 -34.28 -13.83
C ALA A 51 7.55 -35.61 -13.93
N GLN A 52 6.79 -36.71 -14.08
CA GLN A 52 7.39 -38.04 -14.23
C GLN A 52 8.31 -38.11 -15.49
N ASN A 53 7.89 -37.50 -16.60
CA ASN A 53 8.73 -37.41 -17.80
C ASN A 53 10.12 -36.85 -17.46
N LEU A 54 10.16 -35.80 -16.68
CA LEU A 54 11.44 -35.22 -16.25
C LEU A 54 12.23 -36.16 -15.32
N VAL A 55 11.55 -36.71 -14.32
CA VAL A 55 12.16 -37.66 -13.39
C VAL A 55 12.84 -38.82 -14.17
N ASP A 56 12.12 -39.38 -15.14
CA ASP A 56 12.60 -40.58 -15.84
C ASP A 56 13.61 -40.30 -16.94
N CYS A 57 13.52 -39.12 -17.56
CA CYS A 57 14.21 -38.85 -18.83
C CYS A 57 15.28 -37.77 -18.79
N SER A 58 15.12 -36.77 -17.92
CA SER A 58 16.15 -35.77 -17.73
C SER A 58 17.01 -36.27 -16.60
N THR A 59 17.99 -37.10 -16.93
CA THR A 59 18.77 -37.82 -15.91
C THR A 59 20.25 -37.40 -15.87
N GLU A 60 21.16 -38.37 -15.95
CA GLU A 60 22.58 -38.08 -15.68
C GLU A 60 23.23 -36.98 -16.54
N LYS A 61 22.94 -37.00 -17.85
CA LYS A 61 23.41 -35.99 -18.81
C LYS A 61 22.98 -34.57 -18.38
N TYR A 62 21.97 -34.52 -17.51
CA TYR A 62 21.42 -33.22 -17.05
C TYR A 62 21.73 -32.97 -15.56
N GLY A 63 22.58 -33.85 -14.99
CA GLY A 63 22.96 -33.74 -13.58
C GLY A 63 21.83 -34.07 -12.62
N ASN A 64 20.76 -34.64 -13.16
CA ASN A 64 19.59 -35.01 -12.38
C ASN A 64 19.55 -36.46 -11.96
N LYS A 65 19.01 -36.68 -10.76
CA LYS A 65 18.97 -37.99 -10.14
C LYS A 65 17.57 -38.42 -9.71
N GLY A 66 16.57 -38.04 -10.51
CA GLY A 66 15.19 -38.47 -10.32
C GLY A 66 14.68 -38.14 -8.94
N CYS A 67 14.31 -39.17 -8.20
CA CYS A 67 13.76 -39.01 -6.86
C CYS A 67 14.81 -38.56 -5.82
N ASN A 68 16.06 -38.48 -6.26
CA ASN A 68 17.16 -38.02 -5.41
C ASN A 68 17.59 -36.59 -5.67
N GLY A 69 16.81 -35.89 -6.49
CA GLY A 69 16.99 -34.45 -6.70
C GLY A 69 17.44 -34.11 -8.11
N GLY A 70 17.43 -32.83 -8.41
CA GLY A 70 17.75 -32.33 -9.74
C GLY A 70 17.70 -30.82 -9.77
N PHE A 71 17.74 -30.27 -10.99
CA PHE A 71 17.81 -28.82 -11.22
C PHE A 71 16.69 -28.43 -12.20
N MET A 72 16.00 -27.33 -11.91
CA MET A 72 15.03 -26.85 -12.86
C MET A 72 15.63 -26.38 -14.19
N THR A 73 16.83 -25.78 -14.14
CA THR A 73 17.44 -25.31 -15.36
C THR A 73 17.75 -26.45 -16.33
N THR A 74 18.31 -27.53 -15.81
CA THR A 74 18.66 -28.62 -16.69
C THR A 74 17.43 -29.40 -17.13
N ALA A 75 16.37 -29.35 -16.33
CA ALA A 75 15.07 -29.85 -16.75
C ALA A 75 14.58 -29.06 -17.99
N PHE A 76 14.72 -27.73 -17.98
CA PHE A 76 14.33 -26.90 -19.15
C PHE A 76 15.16 -27.28 -20.35
N GLN A 77 16.46 -27.45 -20.14
CA GLN A 77 17.38 -27.84 -21.22
C GLN A 77 16.98 -29.18 -21.81
N TYR A 78 16.58 -30.14 -20.97
CA TYR A 78 16.05 -31.39 -21.50
C TYR A 78 14.81 -31.20 -22.40
N ILE A 79 13.87 -30.36 -21.97
CA ILE A 79 12.69 -30.14 -22.77
C ILE A 79 13.06 -29.50 -24.12
N ILE A 80 14.00 -28.57 -24.10
CA ILE A 80 14.55 -27.96 -25.33
C ILE A 80 15.17 -29.04 -26.23
N ASP A 81 16.10 -29.82 -25.68
CA ASP A 81 16.82 -30.86 -26.43
C ASP A 81 15.87 -31.92 -26.98
N ASN A 82 14.93 -32.36 -26.15
CA ASN A 82 13.93 -33.37 -26.48
C ASN A 82 12.85 -32.92 -27.46
N LYS A 83 12.75 -31.61 -27.68
CA LYS A 83 11.67 -31.02 -28.49
C LYS A 83 10.27 -31.29 -27.95
N GLY A 84 10.15 -31.46 -26.63
CA GLY A 84 8.84 -31.66 -26.04
C GLY A 84 8.82 -32.26 -24.65
N ILE A 85 7.64 -32.19 -24.04
CA ILE A 85 7.31 -32.88 -22.81
C ILE A 85 5.87 -33.35 -22.92
N ASP A 86 5.57 -34.53 -22.36
CA ASP A 86 4.25 -35.13 -22.37
C ASP A 86 3.33 -34.48 -21.35
N SER A 87 2.03 -34.64 -21.55
CA SER A 87 1.06 -34.21 -20.54
C SER A 87 1.18 -35.10 -19.34
N ASP A 88 0.85 -34.57 -18.18
CA ASP A 88 0.73 -35.38 -16.99
C ASP A 88 -0.24 -36.55 -17.20
N ALA A 89 -1.39 -36.28 -17.82
CA ALA A 89 -2.41 -37.31 -18.06
C ALA A 89 -1.85 -38.54 -18.73
N SER A 90 -1.04 -38.32 -19.74
CA SER A 90 -0.49 -39.41 -20.56
C SER A 90 0.65 -40.13 -19.87
N TYR A 91 1.35 -39.38 -19.03
CA TYR A 91 2.60 -39.88 -18.43
C TYR A 91 2.52 -39.51 -16.96
N PRO A 92 1.70 -40.26 -16.18
CA PRO A 92 1.37 -39.89 -14.81
C PRO A 92 2.51 -40.10 -13.82
N TYR A 93 2.39 -39.39 -12.72
CA TYR A 93 3.41 -39.38 -11.69
C TYR A 93 3.23 -40.55 -10.75
N LYS A 94 4.34 -41.26 -10.52
CA LYS A 94 4.37 -42.50 -9.76
C LYS A 94 5.24 -42.44 -8.51
N ALA A 95 5.90 -41.30 -8.30
CA ALA A 95 6.70 -41.09 -7.09
C ALA A 95 7.84 -42.11 -6.99
N MET A 96 8.38 -42.47 -8.14
CA MET A 96 9.56 -43.33 -8.19
C MET A 96 10.27 -43.26 -9.51
N ASP A 97 11.53 -43.68 -9.52
CA ASP A 97 12.30 -43.65 -10.73
C ASP A 97 11.85 -44.77 -11.65
N GLN A 98 11.68 -44.46 -12.93
CA GLN A 98 11.27 -45.45 -13.91
C GLN A 98 12.16 -45.33 -15.14
N LYS A 99 12.05 -46.28 -16.08
CA LYS A 99 12.66 -46.12 -17.41
C LYS A 99 12.03 -44.91 -18.11
N CYS A 100 12.79 -44.23 -18.95
CA CYS A 100 12.25 -43.13 -19.75
C CYS A 100 11.20 -43.69 -20.72
N GLN A 101 10.00 -43.09 -20.70
CA GLN A 101 8.87 -43.55 -21.52
C GLN A 101 8.25 -42.39 -22.30
N TYR A 102 9.07 -41.40 -22.64
CA TYR A 102 8.60 -40.26 -23.39
C TYR A 102 8.01 -40.74 -24.72
N ASP A 103 6.82 -40.25 -25.04
CA ASP A 103 6.11 -40.61 -26.26
C ASP A 103 5.59 -39.31 -26.89
N SER A 104 6.11 -38.96 -28.06
CA SER A 104 5.72 -37.72 -28.74
C SER A 104 4.25 -37.67 -29.19
N LYS A 105 3.59 -38.85 -29.24
CA LYS A 105 2.14 -38.94 -29.46
C LYS A 105 1.37 -38.14 -28.42
N TYR A 106 1.95 -37.99 -27.23
CA TYR A 106 1.32 -37.28 -26.13
C TYR A 106 2.02 -35.93 -25.78
N ARG A 107 2.85 -35.40 -26.69
CA ARG A 107 3.52 -34.10 -26.49
C ARG A 107 2.47 -33.02 -26.21
N ALA A 108 2.66 -32.31 -25.10
CA ALA A 108 1.72 -31.26 -24.67
C ALA A 108 2.36 -29.86 -24.62
N ALA A 109 3.68 -29.79 -24.67
CA ALA A 109 4.40 -28.53 -24.64
C ALA A 109 5.81 -28.66 -25.18
N THR A 110 6.40 -27.51 -25.54
CA THR A 110 7.81 -27.37 -25.94
C THR A 110 8.46 -26.22 -25.14
N CYS A 111 9.77 -26.08 -25.23
CA CYS A 111 10.48 -24.97 -24.58
C CYS A 111 11.58 -24.52 -25.54
N SER A 112 11.76 -23.21 -25.68
CA SER A 112 12.79 -22.70 -26.59
C SER A 112 14.05 -22.18 -25.90
N LYS A 113 13.92 -21.75 -24.64
CA LYS A 113 15.01 -21.11 -23.91
C LYS A 113 14.64 -21.05 -22.42
N TYR A 114 15.64 -20.78 -21.61
CA TYR A 114 15.38 -20.34 -20.25
C TYR A 114 16.34 -19.26 -19.81
N THR A 115 15.97 -18.58 -18.72
CA THR A 115 16.73 -17.46 -18.20
C THR A 115 17.00 -17.66 -16.73
N GLU A 116 18.23 -17.41 -16.30
CA GLU A 116 18.59 -17.58 -14.91
C GLU A 116 18.75 -16.20 -14.34
N LEU A 117 18.25 -15.97 -13.12
CA LEU A 117 18.32 -14.61 -12.54
C LEU A 117 19.50 -14.50 -11.58
N PRO A 118 19.98 -13.28 -11.28
CA PRO A 118 21.18 -13.15 -10.47
C PRO A 118 20.98 -13.50 -9.00
N TYR A 119 22.03 -14.09 -8.41
CA TYR A 119 22.02 -14.52 -7.02
C TYR A 119 21.54 -13.47 -6.03
N GLY A 120 20.51 -13.85 -5.26
CA GLY A 120 20.03 -13.08 -4.11
C GLY A 120 19.24 -11.84 -4.45
N ARG A 121 19.04 -11.60 -5.75
CA ARG A 121 18.39 -10.36 -6.16
C ARG A 121 16.86 -10.49 -6.13
N GLU A 122 16.25 -10.10 -5.03
CA GLU A 122 14.77 -10.20 -4.88
C GLU A 122 14.04 -9.16 -5.73
N ASP A 123 14.76 -8.08 -6.11
CA ASP A 123 14.19 -7.09 -7.03
C ASP A 123 14.03 -7.63 -8.44
N VAL A 124 15.06 -8.32 -8.91
CA VAL A 124 15.07 -8.92 -10.23
C VAL A 124 14.06 -10.08 -10.26
N LEU A 125 13.96 -10.85 -9.17
CA LEU A 125 12.90 -11.86 -9.07
C LEU A 125 11.49 -11.25 -9.17
N LYS A 126 11.29 -10.10 -8.54
CA LYS A 126 9.96 -9.44 -8.50
C LYS A 126 9.61 -9.03 -9.92
N GLU A 127 10.60 -8.46 -10.62
N GLU A 127 10.59 -8.47 -10.63
CA GLU A 127 10.38 -8.05 -12.00
CA GLU A 127 10.39 -8.05 -12.01
C GLU A 127 9.97 -9.22 -12.89
C GLU A 127 9.97 -9.23 -12.88
N ALA A 128 10.65 -10.36 -12.73
CA ALA A 128 10.31 -11.50 -13.56
C ALA A 128 8.94 -12.07 -13.23
N VAL A 129 8.61 -12.16 -11.93
CA VAL A 129 7.29 -12.66 -11.53
C VAL A 129 6.17 -11.75 -12.06
N ALA A 130 6.40 -10.43 -12.04
CA ALA A 130 5.42 -9.48 -12.60
C ALA A 130 5.27 -9.55 -14.12
N ASN A 131 6.41 -9.62 -14.81
CA ASN A 131 6.48 -9.36 -16.24
C ASN A 131 6.58 -10.61 -17.14
N LYS A 132 7.09 -11.72 -16.59
CA LYS A 132 7.29 -12.94 -17.36
C LYS A 132 6.33 -14.06 -16.98
N GLY A 133 6.14 -14.31 -15.70
CA GLY A 133 5.31 -15.45 -15.29
C GLY A 133 5.87 -16.07 -14.01
N PRO A 134 5.28 -17.19 -13.54
CA PRO A 134 5.81 -17.91 -12.38
C PRO A 134 7.28 -18.28 -12.61
N VAL A 135 8.06 -18.19 -11.54
CA VAL A 135 9.52 -18.43 -11.61
C VAL A 135 9.90 -19.64 -10.74
N SER A 136 10.66 -20.59 -11.31
CA SER A 136 11.20 -21.71 -10.54
C SER A 136 12.29 -21.23 -9.61
N VAL A 137 12.24 -21.65 -8.35
CA VAL A 137 13.28 -21.24 -7.40
C VAL A 137 13.63 -22.40 -6.46
N GLY A 138 14.82 -22.34 -5.88
CA GLY A 138 15.07 -23.20 -4.73
C GLY A 138 14.90 -22.46 -3.42
N VAL A 139 14.58 -23.23 -2.39
CA VAL A 139 14.55 -22.69 -1.03
C VAL A 139 15.22 -23.63 -0.07
N ASP A 140 15.65 -23.09 1.08
CA ASP A 140 16.06 -23.92 2.21
C ASP A 140 14.82 -24.33 2.97
N ALA A 141 14.42 -25.60 2.82
CA ALA A 141 13.21 -26.10 3.44
C ALA A 141 13.52 -27.05 4.61
N ARG A 142 14.79 -27.08 5.03
CA ARG A 142 15.23 -28.10 5.99
C ARG A 142 15.08 -27.60 7.41
N HIS A 143 13.86 -27.23 7.75
CA HIS A 143 13.51 -26.79 9.10
C HIS A 143 12.14 -27.28 9.44
N PRO A 144 11.94 -27.74 10.69
CA PRO A 144 10.60 -28.25 10.99
C PRO A 144 9.49 -27.21 10.82
N SER A 145 9.80 -25.93 10.97
CA SER A 145 8.80 -24.91 10.73
C SER A 145 8.22 -24.90 9.29
N PHE A 146 9.04 -25.31 8.33
CA PHE A 146 8.60 -25.34 6.94
C PHE A 146 7.60 -26.48 6.75
N PHE A 147 8.01 -27.69 7.12
CA PHE A 147 7.12 -28.86 7.06
C PHE A 147 5.77 -28.60 7.76
N LEU A 148 5.82 -27.92 8.91
CA LEU A 148 4.66 -27.66 9.76
C LEU A 148 3.89 -26.39 9.47
N TYR A 149 4.31 -25.64 8.45
CA TYR A 149 3.67 -24.40 8.09
C TYR A 149 2.20 -24.60 7.78
N ARG A 150 1.36 -23.70 8.27
CA ARG A 150 -0.10 -23.72 8.01
C ARG A 150 -0.65 -22.46 7.38
N SER A 151 -0.21 -21.29 7.83
CA SER A 151 -0.75 -20.04 7.32
C SER A 151 0.09 -18.82 7.65
N GLY A 152 -0.24 -17.73 6.95
CA GLY A 152 0.41 -16.44 7.13
C GLY A 152 1.76 -16.39 6.42
N VAL A 153 2.61 -15.46 6.84
CA VAL A 153 3.91 -15.27 6.16
C VAL A 153 5.00 -15.97 6.94
N TYR A 154 5.64 -16.93 6.27
CA TYR A 154 6.62 -17.82 6.89
C TYR A 154 7.95 -17.09 7.02
N TYR A 155 8.50 -17.13 8.23
CA TYR A 155 9.79 -16.57 8.57
C TYR A 155 10.48 -17.52 9.55
N GLU A 156 11.70 -17.94 9.20
CA GLU A 156 12.46 -18.91 9.98
C GLU A 156 13.84 -18.31 10.25
N PRO A 157 14.09 -17.89 11.51
CA PRO A 157 15.35 -17.18 11.79
C PRO A 157 16.57 -18.06 11.49
N SER A 158 16.39 -19.38 11.48
CA SER A 158 17.51 -20.29 11.25
C SER A 158 17.69 -20.62 9.76
N CYS A 159 16.86 -20.05 8.91
CA CYS A 159 17.01 -20.31 7.48
C CYS A 159 18.35 -19.84 6.89
N THR A 160 18.81 -20.50 5.82
CA THR A 160 20.05 -20.13 5.15
C THR A 160 19.74 -19.78 3.72
N GLN A 161 20.73 -19.30 2.98
CA GLN A 161 20.55 -19.04 1.55
C GLN A 161 20.87 -20.25 0.66
N ASN A 162 21.22 -21.37 1.28
CA ASN A 162 21.58 -22.59 0.56
C ASN A 162 20.35 -23.45 0.31
N VAL A 163 20.02 -23.59 -0.95
CA VAL A 163 18.74 -24.22 -1.34
C VAL A 163 18.83 -25.74 -1.36
N ASN A 164 17.69 -26.38 -1.08
CA ASN A 164 17.58 -27.84 -1.06
C ASN A 164 16.20 -28.36 -1.46
N HIS A 165 15.29 -27.45 -1.85
CA HIS A 165 13.94 -27.84 -2.24
C HIS A 165 13.48 -26.92 -3.38
N GLY A 166 12.90 -27.49 -4.43
CA GLY A 166 12.46 -26.71 -5.59
C GLY A 166 10.96 -26.40 -5.46
N VAL A 167 10.60 -25.16 -5.72
CA VAL A 167 9.22 -24.68 -5.64
C VAL A 167 8.97 -23.65 -6.73
N LEU A 168 7.77 -23.08 -6.76
CA LEU A 168 7.47 -22.19 -7.85
C LEU A 168 6.86 -20.91 -7.31
N VAL A 169 7.48 -19.78 -7.59
CA VAL A 169 6.93 -18.51 -7.18
C VAL A 169 5.84 -18.12 -8.16
N VAL A 170 4.60 -18.05 -7.67
CA VAL A 170 3.48 -17.67 -8.54
C VAL A 170 2.91 -16.30 -8.26
N GLY A 171 3.59 -15.53 -7.43
CA GLY A 171 3.09 -14.21 -7.10
C GLY A 171 3.79 -13.59 -5.90
N TYR A 172 3.29 -12.44 -5.46
CA TYR A 172 3.85 -11.73 -4.32
C TYR A 172 2.83 -10.72 -3.82
N GLY A 173 3.01 -10.28 -2.59
CA GLY A 173 2.06 -9.33 -2.01
C GLY A 173 2.50 -8.90 -0.64
N ASP A 174 1.56 -8.40 0.14
CA ASP A 174 1.83 -7.92 1.47
C ASP A 174 0.62 -8.33 2.32
N LEU A 175 0.87 -8.98 3.46
CA LEU A 175 -0.20 -9.44 4.31
C LEU A 175 -0.06 -8.70 5.62
N ASN A 176 -0.94 -7.71 5.81
CA ASN A 176 -0.94 -6.88 7.02
C ASN A 176 0.47 -6.48 7.42
N GLY A 177 1.17 -5.89 6.45
CA GLY A 177 2.49 -5.33 6.71
C GLY A 177 3.66 -6.26 6.44
N LYS A 178 3.39 -7.55 6.24
CA LYS A 178 4.48 -8.51 5.99
C LYS A 178 4.55 -8.83 4.50
N GLU A 179 5.64 -8.41 3.85
CA GLU A 179 5.84 -8.67 2.45
C GLU A 179 6.14 -10.15 2.22
N TYR A 180 5.54 -10.72 1.18
CA TYR A 180 5.74 -12.16 0.89
C TYR A 180 5.83 -12.51 -0.57
N TRP A 181 6.41 -13.69 -0.81
CA TRP A 181 6.35 -14.39 -2.10
C TRP A 181 5.28 -15.44 -1.96
N LEU A 182 4.47 -15.63 -2.99
CA LEU A 182 3.43 -16.62 -2.95
C LEU A 182 3.99 -17.85 -3.65
N VAL A 183 4.15 -18.94 -2.91
CA VAL A 183 4.88 -20.13 -3.42
C VAL A 183 3.99 -21.35 -3.56
N LYS A 184 4.02 -21.95 -4.74
CA LYS A 184 3.29 -23.23 -4.99
C LYS A 184 4.23 -24.38 -4.64
N ASN A 185 3.87 -25.16 -3.63
CA ASN A 185 4.66 -26.35 -3.27
C ASN A 185 4.10 -27.57 -3.99
N SER A 186 4.77 -28.71 -3.82
CA SER A 186 4.31 -30.00 -4.39
C SER A 186 4.16 -31.08 -3.32
N TRP A 187 3.57 -30.66 -2.19
CA TRP A 187 3.36 -31.55 -1.03
C TRP A 187 1.86 -31.75 -0.81
N GLY A 188 1.09 -31.57 -1.89
CA GLY A 188 -0.37 -31.76 -1.87
C GLY A 188 -1.13 -30.61 -1.26
N HIS A 189 -2.46 -30.72 -1.34
CA HIS A 189 -3.38 -29.73 -0.74
C HIS A 189 -3.31 -29.68 0.76
N ASN A 190 -2.87 -30.76 1.41
CA ASN A 190 -2.77 -30.80 2.88
C ASN A 190 -1.75 -29.80 3.42
N PHE A 191 -0.76 -29.45 2.59
CA PHE A 191 0.31 -28.57 3.02
C PHE A 191 -0.11 -27.11 3.02
N GLY A 192 0.25 -26.38 4.07
CA GLY A 192 0.07 -24.92 4.06
C GLY A 192 -1.34 -24.45 3.73
N GLU A 193 -1.41 -23.44 2.86
CA GLU A 193 -2.67 -22.80 2.49
C GLU A 193 -3.09 -23.45 1.17
N GLU A 194 -3.77 -24.59 1.29
CA GLU A 194 -4.22 -25.39 0.13
C GLU A 194 -3.09 -25.64 -0.89
N GLY A 195 -1.92 -25.96 -0.34
CA GLY A 195 -0.75 -26.32 -1.13
C GLY A 195 0.28 -25.23 -1.31
N TYR A 196 -0.02 -24.03 -0.82
CA TYR A 196 0.81 -22.83 -1.01
C TYR A 196 1.42 -22.39 0.31
N ILE A 197 2.58 -21.76 0.22
CA ILE A 197 3.22 -21.13 1.37
C ILE A 197 3.57 -19.69 0.99
N ARG A 198 3.29 -18.74 1.87
CA ARG A 198 3.68 -17.34 1.68
C ARG A 198 4.96 -17.14 2.45
N MET A 199 6.06 -16.88 1.73
CA MET A 199 7.39 -16.82 2.33
C MET A 199 7.89 -15.37 2.39
N ALA A 200 8.59 -15.02 3.45
CA ALA A 200 9.07 -13.65 3.67
C ALA A 200 9.79 -13.11 2.43
N ARG A 201 9.41 -11.89 2.07
CA ARG A 201 9.95 -11.19 0.91
C ARG A 201 10.64 -9.90 1.35
N ASN A 202 11.76 -9.57 0.67
CA ASN A 202 12.57 -8.40 1.07
C ASN A 202 13.07 -8.54 2.52
N LYS A 203 13.47 -9.77 2.86
CA LYS A 203 14.07 -10.06 4.16
C LYS A 203 15.45 -10.69 3.97
N GLY A 204 16.27 -10.10 3.10
CA GLY A 204 17.67 -10.55 2.92
C GLY A 204 17.80 -11.90 2.26
N ASN A 205 16.98 -12.15 1.24
CA ASN A 205 17.03 -13.41 0.50
C ASN A 205 16.65 -14.54 1.44
N HIS A 206 15.49 -14.40 2.08
CA HIS A 206 15.15 -15.34 3.17
C HIS A 206 14.95 -16.75 2.64
N CYS A 207 15.62 -17.70 3.31
CA CYS A 207 15.62 -19.11 2.90
C CYS A 207 16.16 -19.32 1.46
N GLY A 208 16.95 -18.35 0.97
CA GLY A 208 17.53 -18.48 -0.36
C GLY A 208 16.54 -18.42 -1.53
N ILE A 209 15.35 -17.82 -1.32
CA ILE A 209 14.33 -17.88 -2.35
C ILE A 209 14.77 -17.24 -3.67
N ALA A 210 15.66 -16.25 -3.53
CA ALA A 210 16.22 -15.62 -4.73
C ALA A 210 17.62 -16.05 -5.06
N SER A 211 18.12 -17.09 -4.40
CA SER A 211 19.49 -17.60 -4.73
C SER A 211 19.65 -18.10 -6.18
N PHE A 212 18.75 -19.00 -6.61
CA PHE A 212 18.85 -19.62 -7.94
C PHE A 212 17.51 -19.65 -8.68
N PRO A 213 16.97 -18.48 -9.04
CA PRO A 213 15.69 -18.50 -9.77
C PRO A 213 15.87 -18.68 -11.26
N SER A 214 14.90 -19.33 -11.92
CA SER A 214 14.93 -19.43 -13.37
C SER A 214 13.57 -19.60 -13.99
N TYR A 215 13.41 -19.25 -15.27
CA TYR A 215 12.10 -19.47 -15.90
C TYR A 215 12.27 -19.77 -17.40
N PRO A 216 11.39 -20.62 -17.95
CA PRO A 216 11.46 -20.99 -19.35
C PRO A 216 10.59 -20.08 -20.22
N GLU A 217 10.80 -20.17 -21.54
CA GLU A 217 9.90 -19.50 -22.48
C GLU A 217 9.71 -20.42 -23.68
N ILE A 218 8.58 -20.22 -24.34
CA ILE A 218 8.19 -20.97 -25.56
C ILE A 218 8.18 -20.05 -26.79
N GLU A 219 8.92 -20.44 -27.82
CA GLU A 219 8.93 -19.71 -29.10
C GLU A 219 7.53 -19.55 -29.70
N ILE B 1 6.11 -6.20 12.37
CA ILE B 1 5.51 -5.30 11.33
C ILE B 1 6.05 -3.88 11.46
N LEU B 2 6.60 -3.36 10.36
CA LEU B 2 7.09 -1.99 10.32
C LEU B 2 6.05 -1.15 9.63
N PRO B 3 6.08 0.18 9.86
CA PRO B 3 5.21 1.09 9.14
C PRO B 3 5.43 1.00 7.65
N ASP B 4 4.39 1.22 6.86
CA ASP B 4 4.51 1.24 5.40
C ASP B 4 5.45 2.34 4.95
N SER B 5 5.38 3.49 5.64
N SER B 5 5.39 3.48 5.65
CA SER B 5 6.22 4.64 5.35
CA SER B 5 6.23 4.63 5.38
C SER B 5 6.71 5.27 6.65
C SER B 5 6.70 5.28 6.66
N VAL B 6 7.89 5.89 6.60
CA VAL B 6 8.49 6.60 7.74
C VAL B 6 9.02 7.93 7.27
N ASP B 7 8.85 8.95 8.10
CA ASP B 7 9.42 10.27 7.83
C ASP B 7 9.71 11.01 9.13
N TRP B 8 10.98 11.00 9.55
CA TRP B 8 11.40 11.53 10.85
C TRP B 8 11.29 13.04 10.93
N ARG B 9 11.18 13.70 9.79
CA ARG B 9 10.96 15.16 9.73
C ARG B 9 9.64 15.46 10.42
N GLU B 10 8.65 14.60 10.22
CA GLU B 10 7.34 14.86 10.84
C GLU B 10 7.33 14.67 12.36
N LYS B 11 8.32 13.93 12.88
CA LYS B 11 8.43 13.69 14.33
C LYS B 11 9.39 14.69 14.94
N GLY B 12 9.78 15.69 14.16
CA GLY B 12 10.63 16.81 14.60
C GLY B 12 12.06 16.43 14.97
N CYS B 13 12.59 15.39 14.32
CA CYS B 13 13.88 14.84 14.67
C CYS B 13 14.98 15.23 13.70
N VAL B 14 14.68 16.14 12.76
CA VAL B 14 15.60 16.52 11.68
C VAL B 14 15.78 18.06 11.63
N THR B 15 17.05 18.50 11.70
CA THR B 15 17.38 19.91 11.62
C THR B 15 17.41 20.39 10.17
N GLU B 16 17.57 21.70 10.01
CA GLU B 16 17.64 22.29 8.68
C GLU B 16 18.78 21.68 7.86
N VAL B 17 18.57 21.63 6.55
CA VAL B 17 19.55 21.12 5.63
C VAL B 17 20.76 22.03 5.64
N LYS B 18 21.95 21.43 5.66
CA LYS B 18 23.19 22.20 5.66
C LYS B 18 23.88 22.22 4.31
N TYR B 19 24.89 23.08 4.18
CA TYR B 19 25.57 23.29 2.93
C TYR B 19 27.09 23.11 3.14
N GLN B 20 27.63 22.04 2.58
CA GLN B 20 29.03 21.68 2.83
C GLN B 20 30.00 22.51 2.02
N GLY B 21 29.54 23.04 0.90
CA GLY B 21 30.45 23.78 0.00
C GLY B 21 31.57 22.92 -0.56
N SER B 22 32.77 23.52 -0.65
CA SER B 22 33.92 22.87 -1.28
C SER B 22 34.62 21.79 -0.47
N CYS B 23 34.12 21.56 0.74
CA CYS B 23 34.80 20.72 1.72
C CYS B 23 34.09 19.37 1.81
N GLY B 24 34.84 18.28 1.76
CA GLY B 24 34.27 16.93 1.77
C GLY B 24 33.91 16.50 3.18
N ALA B 25 32.95 17.21 3.77
CA ALA B 25 32.60 16.98 5.16
C ALA B 25 31.26 16.25 5.27
N CYS B 26 30.82 15.64 4.17
CA CYS B 26 29.55 14.90 4.13
C CYS B 26 29.44 13.88 5.28
N TRP B 27 30.52 13.16 5.53
CA TRP B 27 30.61 12.21 6.65
C TRP B 27 30.28 12.87 8.00
N ALA B 28 30.68 14.12 8.22
CA ALA B 28 30.51 14.77 9.50
C ALA B 28 29.06 15.27 9.57
N PHE B 29 28.55 15.73 8.43
CA PHE B 29 27.12 16.09 8.40
C PHE B 29 26.23 14.91 8.68
N SER B 30 26.51 13.78 8.02
CA SER B 30 25.75 12.55 8.25
C SER B 30 25.79 12.12 9.71
N ALA B 31 26.96 12.16 10.33
CA ALA B 31 27.07 11.77 11.74
C ALA B 31 26.30 12.71 12.67
N VAL B 32 26.44 14.03 12.50
CA VAL B 32 25.73 14.91 13.43
C VAL B 32 24.22 14.83 13.21
N GLY B 33 23.80 14.57 11.95
CA GLY B 33 22.35 14.45 11.67
C GLY B 33 21.79 13.24 12.42
N ALA B 34 22.53 12.13 12.43
CA ALA B 34 22.05 10.92 13.11
C ALA B 34 21.98 11.18 14.62
N LEU B 35 22.94 11.90 15.15
CA LEU B 35 22.94 12.17 16.59
C LEU B 35 21.92 13.25 17.01
N GLU B 36 21.69 14.26 16.18
CA GLU B 36 20.64 15.28 16.40
C GLU B 36 19.30 14.63 16.68
N ALA B 37 19.02 13.56 15.94
CA ALA B 37 17.72 12.90 16.09
C ALA B 37 17.68 12.24 17.45
N GLN B 38 18.79 11.60 17.82
CA GLN B 38 18.81 10.85 19.09
C GLN B 38 18.69 11.80 20.27
N LEU B 39 19.30 12.98 20.14
CA LEU B 39 19.22 14.03 21.15
C LEU B 39 17.76 14.48 21.32
N LYS B 40 17.07 14.69 20.21
CA LYS B 40 15.64 15.05 20.30
C LYS B 40 14.79 13.94 20.93
N LEU B 41 15.03 12.69 20.57
CA LEU B 41 14.28 11.57 21.12
C LEU B 41 14.49 11.45 22.63
N LYS B 42 15.68 11.80 23.09
CA LYS B 42 16.04 11.68 24.50
C LYS B 42 15.57 12.87 25.33
N THR B 43 15.80 14.08 24.83
CA THR B 43 15.64 15.31 25.63
C THR B 43 14.42 16.11 25.22
N GLY B 44 13.91 15.85 24.02
CA GLY B 44 12.84 16.68 23.46
C GLY B 44 13.33 17.93 22.73
N LYS B 45 14.63 18.20 22.79
CA LYS B 45 15.21 19.38 22.14
C LYS B 45 15.86 19.04 20.80
N LEU B 46 15.58 19.82 19.78
CA LEU B 46 16.21 19.67 18.44
C LEU B 46 17.25 20.78 18.27
N VAL B 47 18.53 20.39 18.18
CA VAL B 47 19.65 21.32 18.21
C VAL B 47 20.65 20.87 17.13
N SER B 48 20.98 21.76 16.19
CA SER B 48 21.99 21.41 15.16
C SER B 48 23.31 21.24 15.87
N LEU B 49 24.01 20.15 15.56
CA LEU B 49 25.29 19.83 16.20
C LEU B 49 26.45 20.21 15.28
N SER B 50 27.64 20.39 15.86
CA SER B 50 28.73 20.99 15.11
C SER B 50 29.50 19.99 14.22
N ALA B 51 29.19 19.98 12.93
CA ALA B 51 29.97 19.23 11.94
C ALA B 51 31.43 19.69 11.95
N GLN B 52 31.64 20.99 12.10
CA GLN B 52 33.00 21.55 12.19
C GLN B 52 33.83 20.93 13.33
N ASN B 53 33.22 20.78 14.52
CA ASN B 53 33.79 20.08 15.67
C ASN B 53 34.39 18.74 15.18
N LEU B 54 33.62 18.01 14.37
CA LEU B 54 34.13 16.74 13.85
C LEU B 54 35.26 16.88 12.86
N VAL B 55 35.05 17.77 11.89
CA VAL B 55 36.10 18.07 10.90
C VAL B 55 37.45 18.36 11.59
N ASP B 56 37.41 19.21 12.63
CA ASP B 56 38.65 19.71 13.24
C ASP B 56 39.23 18.79 14.30
N CYS B 57 38.37 17.96 14.91
CA CYS B 57 38.76 17.20 16.12
C CYS B 57 38.78 15.68 15.97
N SER B 58 37.85 15.13 15.17
CA SER B 58 37.85 13.71 14.89
C SER B 58 38.76 13.52 13.70
N THR B 59 40.07 13.48 13.96
CA THR B 59 41.07 13.53 12.87
C THR B 59 41.83 12.21 12.71
N GLU B 60 43.15 12.24 12.71
CA GLU B 60 43.96 11.03 12.38
C GLU B 60 43.74 9.79 13.26
N LYS B 61 43.59 10.01 14.58
CA LYS B 61 43.24 8.94 15.53
C LYS B 61 41.98 8.16 15.09
N TYR B 62 41.18 8.77 14.22
CA TYR B 62 39.85 8.26 13.82
C TYR B 62 39.80 7.93 12.34
N GLY B 63 40.97 8.05 11.67
CA GLY B 63 41.08 7.80 10.24
C GLY B 63 40.41 8.82 9.36
N ASN B 64 40.05 9.95 9.97
CA ASN B 64 39.40 11.02 9.26
C ASN B 64 40.36 12.08 8.80
N LYS B 65 40.02 12.70 7.65
CA LYS B 65 40.84 13.71 7.04
C LYS B 65 40.09 15.01 6.71
N GLY B 66 39.20 15.38 7.62
CA GLY B 66 38.49 16.66 7.54
C GLY B 66 37.79 16.81 6.21
N CYS B 67 38.16 17.87 5.49
CA CYS B 67 37.53 18.21 4.21
C CYS B 67 37.89 17.21 3.09
N ASN B 68 38.78 16.27 3.40
CA ASN B 68 39.14 15.24 2.45
C ASN B 68 38.48 13.89 2.66
N GLY B 69 37.52 13.81 3.59
CA GLY B 69 36.75 12.59 3.77
C GLY B 69 36.89 12.01 5.18
N GLY B 70 36.02 11.09 5.54
CA GLY B 70 36.04 10.46 6.87
C GLY B 70 34.95 9.40 6.99
N PHE B 71 34.69 8.98 8.23
CA PHE B 71 33.77 7.88 8.53
C PHE B 71 32.78 8.29 9.62
N MET B 72 31.49 7.98 9.44
CA MET B 72 30.54 8.32 10.48
C MET B 72 30.77 7.52 11.75
N THR B 73 31.19 6.26 11.61
CA THR B 73 31.40 5.44 12.80
C THR B 73 32.49 5.99 13.68
N THR B 74 33.58 6.43 13.09
CA THR B 74 34.66 6.96 13.91
C THR B 74 34.37 8.36 14.41
N ALA B 75 33.53 9.11 13.67
CA ALA B 75 32.98 10.34 14.21
C ALA B 75 32.20 10.05 15.51
N PHE B 76 31.34 9.01 15.52
CA PHE B 76 30.63 8.62 16.74
C PHE B 76 31.61 8.21 17.83
N GLN B 77 32.62 7.41 17.49
CA GLN B 77 33.62 7.04 18.47
C GLN B 77 34.31 8.27 19.09
N TYR B 78 34.66 9.26 18.27
CA TYR B 78 35.19 10.53 18.82
C TYR B 78 34.23 11.16 19.85
N ILE B 79 32.94 11.25 19.52
CA ILE B 79 31.98 11.87 20.46
C ILE B 79 31.93 11.10 21.77
N ILE B 80 32.00 9.78 21.65
CA ILE B 80 32.07 8.91 22.84
C ILE B 80 33.35 9.20 23.67
N ASP B 81 34.51 9.07 23.03
CA ASP B 81 35.80 9.33 23.68
C ASP B 81 35.89 10.74 24.24
N ASN B 82 35.42 11.70 23.45
CA ASN B 82 35.46 13.11 23.85
C ASN B 82 34.50 13.50 24.99
N LYS B 83 33.51 12.66 25.27
CA LYS B 83 32.45 12.98 26.22
C LYS B 83 31.62 14.19 25.78
N GLY B 84 31.55 14.42 24.46
CA GLY B 84 30.67 15.46 23.94
C GLY B 84 30.96 15.97 22.55
N ILE B 85 30.02 16.78 22.07
CA ILE B 85 30.17 17.51 20.84
C ILE B 85 29.47 18.84 21.10
N ASP B 86 30.03 19.91 20.56
CA ASP B 86 29.47 21.25 20.65
C ASP B 86 28.28 21.48 19.72
N SER B 87 27.47 22.51 20.05
CA SER B 87 26.40 22.91 19.15
C SER B 87 26.99 23.56 17.93
N ASP B 88 26.22 23.53 16.83
CA ASP B 88 26.63 24.17 15.61
C ASP B 88 26.73 25.68 15.86
N ALA B 89 25.81 26.20 16.69
CA ALA B 89 25.80 27.63 17.00
C ALA B 89 27.11 28.04 17.64
N SER B 90 27.57 27.22 18.57
CA SER B 90 28.76 27.53 19.37
C SER B 90 30.02 27.37 18.54
N TYR B 91 29.98 26.45 17.59
CA TYR B 91 31.15 26.05 16.82
C TYR B 91 30.69 25.92 15.37
N PRO B 92 30.60 27.04 14.66
CA PRO B 92 30.00 27.05 13.31
C PRO B 92 30.86 26.47 12.21
N TYR B 93 30.22 26.13 11.10
CA TYR B 93 30.86 25.47 9.99
C TYR B 93 31.48 26.44 9.00
N LYS B 94 32.76 26.22 8.71
CA LYS B 94 33.59 27.09 7.87
C LYS B 94 34.04 26.47 6.55
N ALA B 95 33.71 25.21 6.32
CA ALA B 95 34.04 24.50 5.08
C ALA B 95 35.55 24.46 4.80
N MET B 96 36.33 24.30 5.88
CA MET B 96 37.78 24.11 5.76
C MET B 96 38.31 23.50 7.05
N ASP B 97 39.49 22.88 6.97
CA ASP B 97 40.14 22.30 8.14
C ASP B 97 40.63 23.39 9.07
N GLN B 98 40.40 23.23 10.37
CA GLN B 98 40.89 24.17 11.37
C GLN B 98 41.51 23.36 12.49
N LYS B 99 42.17 24.04 13.45
CA LYS B 99 42.65 23.37 14.65
C LYS B 99 41.46 23.00 15.52
N CYS B 100 41.58 21.93 16.30
CA CYS B 100 40.51 21.54 17.21
C CYS B 100 40.22 22.62 18.23
N GLN B 101 38.96 23.02 18.30
CA GLN B 101 38.52 24.09 19.21
C GLN B 101 37.35 23.66 20.10
N TYR B 102 37.26 22.35 20.38
CA TYR B 102 36.20 21.85 21.25
C TYR B 102 36.26 22.47 22.62
N ASP B 103 35.09 22.84 23.15
CA ASP B 103 34.99 23.42 24.49
C ASP B 103 33.77 22.85 25.20
N SER B 104 33.98 22.23 26.37
CA SER B 104 32.91 21.52 27.07
C SER B 104 31.80 22.44 27.57
N LYS B 105 32.10 23.73 27.74
CA LYS B 105 31.10 24.71 28.15
C LYS B 105 29.96 24.85 27.15
N TYR B 106 30.26 24.49 25.90
CA TYR B 106 29.29 24.56 24.79
C TYR B 106 28.74 23.18 24.37
N ARG B 107 29.07 22.12 25.12
CA ARG B 107 28.53 20.78 24.84
C ARG B 107 27.01 20.85 24.65
N ALA B 108 26.52 20.18 23.60
CA ALA B 108 25.09 20.15 23.28
C ALA B 108 24.55 18.72 23.24
N ALA B 109 25.47 17.76 23.12
CA ALA B 109 25.12 16.35 23.04
C ALA B 109 26.28 15.44 23.45
N THR B 110 25.92 14.21 23.81
CA THR B 110 26.87 13.14 24.08
C THR B 110 26.46 11.93 23.24
N CYS B 111 27.33 10.93 23.18
CA CYS B 111 27.04 9.65 22.52
C CYS B 111 27.59 8.52 23.41
N SER B 112 26.82 7.45 23.61
CA SER B 112 27.27 6.32 24.43
C SER B 112 27.73 5.08 23.65
N LYS B 113 27.21 4.90 22.44
CA LYS B 113 27.54 3.71 21.65
C LYS B 113 27.11 3.98 20.21
N TYR B 114 27.56 3.14 19.30
CA TYR B 114 26.94 3.08 17.97
C TYR B 114 26.83 1.63 17.50
N THR B 115 26.02 1.46 16.46
CA THR B 115 25.72 0.15 15.89
C THR B 115 25.93 0.19 14.39
N GLU B 116 26.63 -0.81 13.87
CA GLU B 116 26.86 -0.93 12.42
C GLU B 116 25.94 -2.02 11.91
N LEU B 117 25.30 -1.79 10.77
CA LEU B 117 24.36 -2.75 10.20
C LEU B 117 25.04 -3.64 9.14
N PRO B 118 24.47 -4.82 8.86
CA PRO B 118 25.18 -5.76 7.96
C PRO B 118 25.16 -5.31 6.50
N TYR B 119 26.24 -5.62 5.79
CA TYR B 119 26.43 -5.16 4.41
C TYR B 119 25.29 -5.53 3.49
N GLY B 120 24.75 -4.51 2.80
CA GLY B 120 23.79 -4.70 1.73
C GLY B 120 22.36 -5.04 2.16
N ARG B 121 22.13 -5.11 3.46
CA ARG B 121 20.85 -5.55 4.00
C ARG B 121 19.84 -4.40 4.11
N GLU B 122 19.07 -4.21 3.06
CA GLU B 122 18.04 -3.12 3.07
C GLU B 122 16.90 -3.37 4.04
N ASP B 123 16.67 -4.65 4.39
CA ASP B 123 15.66 -5.03 5.37
C ASP B 123 16.08 -4.60 6.77
N VAL B 124 17.35 -4.83 7.10
CA VAL B 124 17.89 -4.45 8.43
C VAL B 124 17.95 -2.92 8.52
N LEU B 125 18.31 -2.26 7.42
CA LEU B 125 18.28 -0.78 7.37
C LEU B 125 16.86 -0.25 7.59
N LYS B 126 15.87 -0.93 7.01
CA LYS B 126 14.48 -0.48 7.14
C LYS B 126 14.04 -0.57 8.60
N GLU B 127 14.37 -1.70 9.21
N GLU B 127 14.38 -1.69 9.23
CA GLU B 127 14.04 -1.91 10.62
CA GLU B 127 14.06 -1.90 10.63
C GLU B 127 14.65 -0.80 11.49
C GLU B 127 14.65 -0.79 11.49
N ALA B 128 15.89 -0.41 11.21
CA ALA B 128 16.58 0.56 12.05
C ALA B 128 15.98 1.93 11.85
N VAL B 129 15.70 2.29 10.60
CA VAL B 129 15.06 3.57 10.31
C VAL B 129 13.69 3.65 10.99
N ALA B 130 12.91 2.57 10.97
CA ALA B 130 11.61 2.61 11.65
C ALA B 130 11.70 2.67 13.19
N ASN B 131 12.61 1.88 13.75
CA ASN B 131 12.58 1.58 15.18
C ASN B 131 13.61 2.35 16.00
N LYS B 132 14.69 2.83 15.36
CA LYS B 132 15.74 3.53 16.07
C LYS B 132 15.83 5.01 15.73
N GLY B 133 15.77 5.34 14.44
CA GLY B 133 15.82 6.76 14.05
C GLY B 133 16.61 6.88 12.77
N PRO B 134 16.94 8.11 12.32
CA PRO B 134 17.73 8.31 11.10
C PRO B 134 19.08 7.55 11.21
N VAL B 135 19.51 6.97 10.10
CA VAL B 135 20.69 6.11 10.05
C VAL B 135 21.70 6.74 9.09
N SER B 136 22.95 6.90 9.56
CA SER B 136 24.01 7.32 8.64
C SER B 136 24.37 6.27 7.62
N VAL B 137 24.52 6.65 6.37
CA VAL B 137 24.92 5.66 5.36
C VAL B 137 25.88 6.30 4.36
N GLY B 138 26.64 5.47 3.67
CA GLY B 138 27.33 5.97 2.49
C GLY B 138 26.58 5.62 1.23
N VAL B 139 26.80 6.40 0.18
CA VAL B 139 26.24 6.11 -1.14
C VAL B 139 27.30 6.37 -2.20
N ASP B 140 27.12 5.73 -3.35
CA ASP B 140 27.86 6.05 -4.58
C ASP B 140 27.16 7.26 -5.22
N ALA B 141 27.77 8.45 -5.06
CA ALA B 141 27.24 9.69 -5.59
C ALA B 141 28.02 10.20 -6.82
N ARG B 142 28.92 9.38 -7.36
CA ARG B 142 29.85 9.84 -8.41
C ARG B 142 29.30 9.62 -9.81
N HIS B 143 28.10 10.17 -10.05
CA HIS B 143 27.45 10.11 -11.36
C HIS B 143 26.75 11.43 -11.57
N PRO B 144 26.78 11.97 -12.81
CA PRO B 144 26.16 13.29 -12.98
C PRO B 144 24.68 13.33 -12.66
N SER B 145 23.98 12.20 -12.78
CA SER B 145 22.57 12.17 -12.41
C SER B 145 22.33 12.52 -10.92
N PHE B 146 23.29 12.21 -10.07
CA PHE B 146 23.10 12.48 -8.63
C PHE B 146 23.19 14.00 -8.39
N PHE B 147 24.25 14.63 -8.92
CA PHE B 147 24.44 16.08 -8.81
C PHE B 147 23.24 16.84 -9.36
N LEU B 148 22.68 16.32 -10.46
CA LEU B 148 21.61 16.98 -11.19
C LEU B 148 20.20 16.60 -10.76
N TYR B 149 20.08 15.76 -9.73
CA TYR B 149 18.81 15.26 -9.28
C TYR B 149 17.94 16.45 -8.87
N ARG B 150 16.67 16.42 -9.29
CA ARG B 150 15.67 17.42 -8.88
C ARG B 150 14.45 16.86 -8.13
N SER B 151 13.90 15.72 -8.55
CA SER B 151 12.69 15.18 -7.94
C SER B 151 12.42 13.71 -8.30
N GLY B 152 11.49 13.11 -7.56
CA GLY B 152 11.03 11.75 -7.80
C GLY B 152 12.02 10.76 -7.22
N VAL B 153 11.96 9.52 -7.67
CA VAL B 153 12.80 8.45 -7.12
C VAL B 153 14.05 8.24 -8.02
N TYR B 154 15.20 8.53 -7.43
CA TYR B 154 16.49 8.45 -8.11
C TYR B 154 16.89 6.98 -8.36
N TYR B 155 17.16 6.70 -9.62
CA TYR B 155 17.73 5.43 -10.05
C TYR B 155 18.81 5.65 -11.11
N GLU B 156 20.00 5.10 -10.88
CA GLU B 156 21.12 5.27 -11.77
C GLU B 156 21.67 3.90 -12.15
N PRO B 157 21.44 3.47 -13.41
CA PRO B 157 21.86 2.11 -13.77
C PRO B 157 23.38 1.88 -13.64
N SER B 158 24.20 2.93 -13.70
CA SER B 158 25.65 2.74 -13.59
C SER B 158 26.13 2.84 -12.13
N CYS B 159 25.18 2.94 -11.20
CA CYS B 159 25.58 3.00 -9.79
C CYS B 159 26.27 1.71 -9.30
N THR B 160 27.14 1.83 -8.33
CA THR B 160 27.84 0.70 -7.75
C THR B 160 27.52 0.64 -6.27
N GLN B 161 27.88 -0.46 -5.61
CA GLN B 161 27.71 -0.55 -4.16
C GLN B 161 28.88 0.05 -3.35
N ASN B 162 29.86 0.62 -4.04
CA ASN B 162 31.03 1.22 -3.40
C ASN B 162 30.79 2.68 -3.04
N VAL B 163 30.81 2.98 -1.75
CA VAL B 163 30.35 4.27 -1.26
C VAL B 163 31.44 5.31 -1.32
N ASN B 164 31.04 6.56 -1.51
CA ASN B 164 31.99 7.66 -1.55
C ASN B 164 31.39 8.99 -1.05
N HIS B 165 30.16 8.97 -0.54
CA HIS B 165 29.50 10.19 -0.06
C HIS B 165 28.62 9.83 1.16
N GLY B 166 28.74 10.57 2.25
CA GLY B 166 27.99 10.33 3.47
C GLY B 166 26.67 11.09 3.47
N VAL B 167 25.58 10.38 3.78
CA VAL B 167 24.26 11.04 3.83
C VAL B 167 23.46 10.44 4.98
N LEU B 168 22.22 10.89 5.14
CA LEU B 168 21.46 10.42 6.32
C LEU B 168 20.08 9.96 5.87
N VAL B 169 19.76 8.71 6.14
CA VAL B 169 18.46 8.20 5.80
C VAL B 169 17.47 8.61 6.87
N VAL B 170 16.50 9.46 6.52
CA VAL B 170 15.52 9.91 7.49
C VAL B 170 14.11 9.36 7.32
N GLY B 171 13.97 8.40 6.43
CA GLY B 171 12.67 7.78 6.19
C GLY B 171 12.67 6.93 4.95
N TYR B 172 11.48 6.43 4.61
CA TYR B 172 11.26 5.62 3.47
C TYR B 172 9.78 5.62 3.09
N GLY B 173 9.51 5.21 1.86
CA GLY B 173 8.13 5.13 1.41
C GLY B 173 8.05 4.56 0.01
N ASP B 174 6.97 4.89 -0.67
CA ASP B 174 6.71 4.39 -2.02
C ASP B 174 6.08 5.55 -2.80
N LEU B 175 6.66 5.90 -3.95
CA LEU B 175 6.11 6.99 -4.76
C LEU B 175 5.54 6.44 -6.04
N ASN B 176 4.21 6.39 -6.11
CA ASN B 176 3.50 5.84 -7.27
C ASN B 176 4.14 4.53 -7.72
N GLY B 177 4.36 3.61 -6.78
CA GLY B 177 4.89 2.31 -7.13
C GLY B 177 6.41 2.17 -7.13
N LYS B 178 7.11 3.27 -6.90
CA LYS B 178 8.58 3.21 -6.76
C LYS B 178 8.98 3.34 -5.29
N GLU B 179 9.52 2.26 -4.74
CA GLU B 179 9.94 2.27 -3.34
C GLU B 179 11.20 3.11 -3.20
N TYR B 180 11.25 3.89 -2.12
CA TYR B 180 12.42 4.74 -1.91
C TYR B 180 12.88 4.85 -0.47
N TRP B 181 14.13 5.31 -0.34
CA TRP B 181 14.75 5.81 0.92
C TRP B 181 14.67 7.32 0.84
N LEU B 182 14.26 7.95 1.93
CA LEU B 182 14.25 9.41 1.98
C LEU B 182 15.56 9.86 2.61
N VAL B 183 16.37 10.55 1.81
CA VAL B 183 17.74 10.92 2.19
C VAL B 183 17.97 12.43 2.37
N LYS B 184 18.51 12.81 3.51
CA LYS B 184 18.95 14.20 3.78
C LYS B 184 20.39 14.34 3.30
N ASN B 185 20.59 15.19 2.29
CA ASN B 185 21.95 15.49 1.85
C ASN B 185 22.46 16.75 2.55
N SER B 186 23.71 17.11 2.29
CA SER B 186 24.31 18.33 2.87
C SER B 186 24.84 19.24 1.75
N TRP B 187 24.01 19.44 0.73
CA TRP B 187 24.39 20.30 -0.41
C TRP B 187 23.43 21.50 -0.51
N GLY B 188 22.88 21.88 0.64
CA GLY B 188 21.98 23.02 0.73
C GLY B 188 20.58 22.74 0.27
N HIS B 189 19.68 23.71 0.49
CA HIS B 189 18.28 23.54 0.08
C HIS B 189 18.07 23.59 -1.43
N ASN B 190 19.05 24.10 -2.18
CA ASN B 190 19.04 24.15 -3.65
C ASN B 190 19.09 22.75 -4.28
N PHE B 191 19.60 21.78 -3.54
CA PHE B 191 19.75 20.42 -4.07
C PHE B 191 18.45 19.62 -3.95
N GLY B 192 18.10 18.91 -5.02
CA GLY B 192 16.97 17.98 -4.99
C GLY B 192 15.67 18.62 -4.51
N GLU B 193 14.97 17.91 -3.62
CA GLU B 193 13.67 18.33 -3.11
C GLU B 193 13.93 19.00 -1.77
N GLU B 194 14.15 20.32 -1.80
CA GLU B 194 14.45 21.12 -0.61
C GLU B 194 15.60 20.53 0.24
N GLY B 195 16.59 19.98 -0.46
CA GLY B 195 17.80 19.43 0.18
C GLY B 195 17.81 17.91 0.30
N TYR B 196 16.70 17.27 -0.09
CA TYR B 196 16.50 15.81 0.05
C TYR B 196 16.53 15.10 -1.30
N ILE B 197 16.92 13.83 -1.27
CA ILE B 197 16.85 12.99 -2.46
C ILE B 197 16.15 11.67 -2.07
N ARG B 198 15.20 11.24 -2.90
CA ARG B 198 14.51 9.96 -2.67
C ARG B 198 15.19 8.93 -3.54
N MET B 199 15.86 7.97 -2.93
CA MET B 199 16.73 7.06 -3.65
C MET B 199 16.07 5.67 -3.71
N ALA B 200 16.22 4.97 -4.84
CA ALA B 200 15.60 3.65 -5.04
C ALA B 200 15.88 2.70 -3.86
N ARG B 201 14.79 2.05 -3.39
CA ARG B 201 14.83 1.13 -2.27
C ARG B 201 14.40 -0.26 -2.75
N ASN B 202 15.02 -1.32 -2.18
CA ASN B 202 14.70 -2.71 -2.58
C ASN B 202 15.02 -2.91 -4.06
N LYS B 203 16.16 -2.33 -4.47
CA LYS B 203 16.64 -2.49 -5.82
C LYS B 203 18.06 -2.96 -5.77
N GLY B 204 18.31 -3.96 -4.94
CA GLY B 204 19.63 -4.62 -4.92
C GLY B 204 20.71 -3.74 -4.36
N ASN B 205 20.39 -3.01 -3.29
CA ASN B 205 21.37 -2.17 -2.59
C ASN B 205 21.85 -1.10 -3.55
N HIS B 206 20.88 -0.35 -4.08
CA HIS B 206 21.16 0.60 -5.14
C HIS B 206 22.05 1.71 -4.63
N CYS B 207 23.14 1.95 -5.38
CA CYS B 207 24.14 2.97 -5.02
C CYS B 207 24.79 2.70 -3.65
N GLY B 208 24.71 1.44 -3.18
CA GLY B 208 25.36 1.10 -1.94
C GLY B 208 24.75 1.69 -0.67
N ILE B 209 23.48 2.10 -0.73
CA ILE B 209 22.85 2.78 0.38
C ILE B 209 22.86 1.95 1.67
N ALA B 210 22.82 0.61 1.51
CA ALA B 210 22.89 -0.28 2.67
C ALA B 210 24.24 -0.96 2.80
N SER B 211 25.25 -0.51 2.08
CA SER B 211 26.60 -1.15 2.24
C SER B 211 27.17 -0.97 3.66
N PHE B 212 27.17 0.27 4.17
CA PHE B 212 27.79 0.61 5.44
C PHE B 212 26.95 1.56 6.30
N PRO B 213 25.78 1.08 6.78
CA PRO B 213 24.96 1.94 7.63
C PRO B 213 25.38 1.89 9.08
N SER B 214 25.17 2.98 9.81
CA SER B 214 25.42 2.98 11.24
C SER B 214 24.56 4.02 11.95
N TYR B 215 24.33 3.83 13.26
CA TYR B 215 23.57 4.86 14.01
C TYR B 215 24.04 4.91 15.46
N PRO B 216 24.08 6.12 16.04
CA PRO B 216 24.52 6.31 17.43
C PRO B 216 23.35 6.19 18.39
N GLU B 217 23.68 5.99 19.67
CA GLU B 217 22.70 6.12 20.74
C GLU B 217 23.29 6.92 21.90
N ILE B 218 22.38 7.49 22.68
CA ILE B 218 22.72 8.30 23.86
C ILE B 218 22.21 7.60 25.13
N GLU B 219 23.11 7.46 26.11
CA GLU B 219 22.77 6.88 27.42
C GLU B 219 21.51 7.43 28.05
N LEU C 2 -26.91 11.10 12.10
CA LEU C 2 -26.28 12.45 12.09
C LEU C 2 -27.22 13.46 11.43
N PRO C 3 -27.05 14.78 11.71
CA PRO C 3 -27.87 15.79 11.03
C PRO C 3 -27.55 15.84 9.54
N ASP C 4 -28.51 16.25 8.71
CA ASP C 4 -28.27 16.28 7.26
C ASP C 4 -27.40 17.47 6.83
N SER C 5 -27.45 18.56 7.60
N SER C 5 -27.44 18.53 7.63
CA SER C 5 -26.60 19.71 7.33
CA SER C 5 -26.67 19.76 7.37
C SER C 5 -26.04 20.27 8.62
C SER C 5 -26.04 20.26 8.64
N VAL C 6 -24.79 20.74 8.55
CA VAL C 6 -24.07 21.28 9.70
C VAL C 6 -23.34 22.52 9.19
N ASP C 7 -23.39 23.60 9.96
CA ASP C 7 -22.62 24.81 9.70
C ASP C 7 -22.29 25.45 11.04
N TRP C 8 -21.06 25.25 11.48
CA TRP C 8 -20.63 25.73 12.77
C TRP C 8 -20.59 27.27 12.91
N ARG C 9 -20.71 27.97 11.79
CA ARG C 9 -20.78 29.42 11.81
C ARG C 9 -22.02 29.85 12.58
N GLU C 10 -23.05 29.00 12.49
CA GLU C 10 -24.36 29.29 13.08
C GLU C 10 -24.33 29.13 14.58
N LYS C 11 -23.24 28.57 15.11
CA LYS C 11 -23.04 28.43 16.55
C LYS C 11 -22.06 29.46 17.07
N GLY C 12 -21.65 30.39 16.23
CA GLY C 12 -20.73 31.45 16.60
C GLY C 12 -19.35 30.90 16.94
N CYS C 13 -19.02 29.75 16.33
CA CYS C 13 -17.77 28.99 16.55
C CYS C 13 -16.65 29.27 15.52
N VAL C 14 -16.92 30.15 14.56
CA VAL C 14 -15.99 30.41 13.43
C VAL C 14 -15.65 31.88 13.36
N THR C 15 -14.35 32.21 13.43
CA THR C 15 -13.89 33.60 13.39
C THR C 15 -13.87 34.11 11.93
N GLU C 16 -13.60 35.40 11.75
CA GLU C 16 -13.51 35.97 10.42
C GLU C 16 -12.49 35.23 9.54
N VAL C 17 -12.75 35.23 8.24
CA VAL C 17 -11.78 34.66 7.29
C VAL C 17 -10.50 35.50 7.27
N LYS C 18 -9.37 34.80 7.38
CA LYS C 18 -8.02 35.44 7.35
C LYS C 18 -7.42 35.39 5.95
N TYR C 19 -6.35 36.15 5.74
CA TYR C 19 -5.68 36.25 4.45
C TYR C 19 -4.19 35.95 4.65
N GLN C 20 -3.73 34.84 4.10
CA GLN C 20 -2.36 34.41 4.35
C GLN C 20 -1.31 35.17 3.50
N GLY C 21 -1.72 35.74 2.38
CA GLY C 21 -0.80 36.45 1.47
C GLY C 21 0.20 35.47 0.86
N SER C 22 1.45 35.90 0.68
CA SER C 22 2.43 35.06 0.01
C SER C 22 3.16 34.07 0.92
N CYS C 23 2.72 33.98 2.17
CA CYS C 23 3.33 33.12 3.17
C CYS C 23 2.53 31.81 3.31
N GLY C 24 3.25 30.68 3.28
CA GLY C 24 2.57 29.37 3.31
C GLY C 24 2.17 28.94 4.71
N ALA C 25 1.29 29.72 5.31
CA ALA C 25 0.88 29.55 6.71
C ALA C 25 -0.52 28.94 6.82
N CYS C 26 -1.03 28.38 5.73
CA CYS C 26 -2.34 27.75 5.70
C CYS C 26 -2.50 26.74 6.88
N TRP C 27 -1.47 25.96 7.14
CA TRP C 27 -1.48 24.99 8.25
C TRP C 27 -1.71 25.67 9.60
N ALA C 28 -1.15 26.87 9.77
CA ALA C 28 -1.29 27.58 11.01
C ALA C 28 -2.70 28.11 11.13
N PHE C 29 -3.23 28.63 10.04
CA PHE C 29 -4.63 29.11 10.03
C PHE C 29 -5.61 27.99 10.33
N SER C 30 -5.42 26.85 9.65
CA SER C 30 -6.27 25.68 9.87
C SER C 30 -6.25 25.28 11.35
N ALA C 31 -5.06 25.15 11.92
CA ALA C 31 -4.93 24.80 13.35
C ALA C 31 -5.62 25.79 14.30
N VAL C 32 -5.36 27.09 14.14
CA VAL C 32 -6.00 28.05 15.03
C VAL C 32 -7.52 28.07 14.85
N GLY C 33 -7.98 27.84 13.61
CA GLY C 33 -9.43 27.86 13.36
C GLY C 33 -10.14 26.74 14.10
N ALA C 34 -9.54 25.56 14.10
CA ALA C 34 -10.10 24.41 14.79
C ALA C 34 -10.11 24.69 16.28
N LEU C 35 -9.05 25.30 16.81
CA LEU C 35 -8.95 25.55 18.26
C LEU C 35 -9.88 26.68 18.71
N GLU C 36 -10.08 27.66 17.85
CA GLU C 36 -11.00 28.79 18.08
C GLU C 36 -12.39 28.25 18.38
N ALA C 37 -12.82 27.20 17.67
CA ALA C 37 -14.17 26.67 17.86
C ALA C 37 -14.29 26.00 19.23
N GLN C 38 -13.31 25.18 19.58
CA GLN C 38 -13.29 24.52 20.90
C GLN C 38 -13.25 25.57 22.00
N LEU C 39 -12.52 26.67 21.79
CA LEU C 39 -12.44 27.72 22.80
C LEU C 39 -13.84 28.34 23.04
N LYS C 40 -14.54 28.64 21.95
CA LYS C 40 -15.91 29.16 22.02
C LYS C 40 -16.83 28.16 22.73
N LEU C 41 -16.71 26.88 22.39
CA LEU C 41 -17.56 25.84 22.99
C LEU C 41 -17.30 25.69 24.48
N LYS C 42 -16.05 25.84 24.91
CA LYS C 42 -15.74 25.73 26.34
C LYS C 42 -16.03 27.01 27.13
N THR C 43 -15.89 28.18 26.50
CA THR C 43 -15.88 29.44 27.25
C THR C 43 -16.98 30.42 26.85
N GLY C 44 -17.55 30.23 25.66
CA GLY C 44 -18.55 31.15 25.10
C GLY C 44 -17.96 32.39 24.43
N LYS C 45 -16.63 32.45 24.37
CA LYS C 45 -15.93 33.58 23.78
C LYS C 45 -15.35 33.18 22.41
N LEU C 46 -15.57 34.04 21.44
CA LEU C 46 -15.06 33.83 20.08
C LEU C 46 -13.87 34.74 19.84
N VAL C 47 -12.68 34.16 19.80
CA VAL C 47 -11.46 34.97 19.77
C VAL C 47 -10.53 34.37 18.73
N SER C 48 -10.08 35.19 17.80
CA SER C 48 -9.10 34.69 16.82
C SER C 48 -7.78 34.44 17.52
N LEU C 49 -7.19 33.29 17.25
CA LEU C 49 -5.88 32.93 17.78
C LEU C 49 -4.74 33.18 16.79
N SER C 50 -3.51 33.30 17.32
CA SER C 50 -2.41 33.82 16.54
C SER C 50 -1.75 32.74 15.68
N ALA C 51 -2.08 32.79 14.39
CA ALA C 51 -1.37 31.99 13.40
C ALA C 51 0.12 32.36 13.36
N GLN C 52 0.43 33.65 13.56
CA GLN C 52 1.84 34.10 13.59
C GLN C 52 2.66 33.43 14.71
N ASN C 53 2.04 33.27 15.87
CA ASN C 53 2.65 32.57 16.99
C ASN C 53 3.07 31.18 16.53
N LEU C 54 2.22 30.47 15.77
CA LEU C 54 2.65 29.17 15.25
C LEU C 54 3.81 29.28 14.24
N VAL C 55 3.68 30.21 13.30
CA VAL C 55 4.68 30.39 12.24
C VAL C 55 6.06 30.63 12.88
N ASP C 56 6.11 31.51 13.87
CA ASP C 56 7.36 31.88 14.51
C ASP C 56 7.89 30.88 15.55
N CYS C 57 6.99 30.19 16.23
CA CYS C 57 7.38 29.42 17.42
C CYS C 57 7.30 27.93 17.29
N SER C 58 6.35 27.44 16.48
CA SER C 58 6.23 26.01 16.22
C SER C 58 7.05 25.70 14.98
N THR C 59 8.35 25.43 15.17
CA THR C 59 9.26 25.24 14.03
C THR C 59 9.78 23.83 13.88
N GLU C 60 11.09 23.64 13.77
CA GLU C 60 11.58 22.31 13.33
C GLU C 60 11.31 21.16 14.28
N LYS C 61 11.29 21.42 15.58
CA LYS C 61 10.98 20.41 16.59
C LYS C 61 9.57 19.84 16.36
N TYR C 62 8.77 20.59 15.58
CA TYR C 62 7.39 20.21 15.22
C TYR C 62 7.26 19.90 13.73
N GLY C 63 8.41 19.76 13.06
CA GLY C 63 8.43 19.49 11.61
C GLY C 63 7.89 20.62 10.75
N ASN C 64 7.80 21.81 11.35
CA ASN C 64 7.23 22.95 10.66
C ASN C 64 8.27 23.92 10.14
N LYS C 65 7.97 24.57 9.02
CA LYS C 65 8.91 25.49 8.34
C LYS C 65 8.28 26.88 8.03
N GLY C 66 7.50 27.39 8.98
CA GLY C 66 6.92 28.75 8.89
C GLY C 66 6.21 28.99 7.56
N CYS C 67 6.63 30.01 6.82
CA CYS C 67 6.04 30.33 5.53
C CYS C 67 6.22 29.29 4.42
N ASN C 68 7.00 28.27 4.70
CA ASN C 68 7.18 27.16 3.75
C ASN C 68 6.33 25.92 3.99
N GLY C 69 5.52 25.93 5.06
CA GLY C 69 4.58 24.85 5.28
C GLY C 69 4.74 24.20 6.65
N GLY C 70 3.77 23.39 7.02
CA GLY C 70 3.81 22.74 8.32
C GLY C 70 2.60 21.85 8.51
N PHE C 71 2.35 21.46 9.74
CA PHE C 71 1.30 20.48 10.09
C PHE C 71 0.36 20.97 11.18
N MET C 72 -0.96 20.75 11.01
CA MET C 72 -1.91 21.12 12.03
C MET C 72 -1.72 20.31 13.29
N THR C 73 -1.47 19.01 13.14
CA THR C 73 -1.29 18.16 14.32
C THR C 73 -0.12 18.62 15.17
N THR C 74 1.02 18.92 14.54
CA THR C 74 2.18 19.33 15.31
C THR C 74 2.05 20.75 15.86
N ALA C 75 1.26 21.59 15.18
CA ALA C 75 0.88 22.89 15.71
C ALA C 75 0.08 22.73 17.03
N PHE C 76 -0.87 21.80 17.06
CA PHE C 76 -1.60 21.51 18.29
C PHE C 76 -0.63 21.03 19.35
N GLN C 77 0.36 20.21 18.97
CA GLN C 77 1.32 19.71 19.97
C GLN C 77 2.12 20.85 20.57
N TYR C 78 2.51 21.82 19.74
CA TYR C 78 3.21 23.03 20.23
C TYR C 78 2.33 23.75 21.25
N ILE C 79 1.04 23.91 20.95
CA ILE C 79 0.19 24.66 21.87
C ILE C 79 0.11 23.90 23.21
N ILE C 80 0.02 22.57 23.14
CA ILE C 80 0.01 21.73 24.34
C ILE C 80 1.31 21.93 25.15
N ASP C 81 2.43 21.76 24.48
CA ASP C 81 3.79 21.86 25.08
C ASP C 81 4.05 23.25 25.66
N ASN C 82 3.65 24.27 24.92
CA ASN C 82 3.89 25.67 25.28
C ASN C 82 2.96 26.16 26.41
N LYS C 83 1.96 25.36 26.75
CA LYS C 83 0.90 25.75 27.70
C LYS C 83 0.13 26.99 27.27
N GLY C 84 0.04 27.21 25.96
CA GLY C 84 -0.74 28.32 25.49
C GLY C 84 -0.45 28.77 24.08
N ILE C 85 -1.34 29.60 23.57
CA ILE C 85 -1.16 30.33 22.34
C ILE C 85 -1.73 31.74 22.56
N ASP C 86 -1.05 32.73 22.02
CA ASP C 86 -1.55 34.10 22.11
C ASP C 86 -2.76 34.39 21.22
N SER C 87 -3.50 35.43 21.58
CA SER C 87 -4.55 35.94 20.69
C SER C 87 -3.94 36.50 19.44
N ASP C 88 -4.68 36.42 18.33
CA ASP C 88 -4.29 37.10 17.10
C ASP C 88 -4.05 38.61 17.29
N ALA C 89 -4.92 39.23 18.07
CA ALA C 89 -4.85 40.69 18.32
C ALA C 89 -3.51 41.08 18.96
N SER C 90 -3.05 40.26 19.88
CA SER C 90 -1.80 40.53 20.56
C SER C 90 -0.55 40.25 19.71
N TYR C 91 -0.69 39.29 18.79
CA TYR C 91 0.46 38.74 18.11
C TYR C 91 -0.01 38.60 16.67
N PRO C 92 -0.14 39.74 15.97
CA PRO C 92 -0.79 39.75 14.65
C PRO C 92 0.05 39.12 13.56
N TYR C 93 -0.63 38.75 12.48
CA TYR C 93 -0.04 38.05 11.36
C TYR C 93 0.67 39.00 10.40
N LYS C 94 1.91 38.66 10.05
CA LYS C 94 2.77 39.52 9.24
C LYS C 94 3.15 38.89 7.91
N ALA C 95 2.74 37.63 7.70
CA ALA C 95 3.01 36.93 6.45
C ALA C 95 4.51 36.80 6.13
N MET C 96 5.29 36.61 7.19
CA MET C 96 6.73 36.35 7.09
C MET C 96 7.21 35.68 8.35
N ASP C 97 8.30 34.92 8.24
CA ASP C 97 8.93 34.33 9.43
C ASP C 97 9.51 35.41 10.33
N GLN C 98 9.32 35.28 11.64
CA GLN C 98 9.90 36.18 12.63
C GLN C 98 10.49 35.38 13.77
N LYS C 99 11.20 36.06 14.66
CA LYS C 99 11.66 35.42 15.87
C LYS C 99 10.44 35.12 16.73
N CYS C 100 10.53 34.08 17.54
CA CYS C 100 9.44 33.74 18.42
C CYS C 100 9.24 34.83 19.46
N GLN C 101 8.01 35.35 19.52
CA GLN C 101 7.66 36.45 20.41
C GLN C 101 6.47 36.10 21.30
N TYR C 102 6.33 34.81 21.60
CA TYR C 102 5.27 34.38 22.50
C TYR C 102 5.36 35.05 23.87
N ASP C 103 4.23 35.67 24.26
CA ASP C 103 4.11 36.44 25.50
C ASP C 103 2.90 35.89 26.26
N SER C 104 3.14 35.27 27.40
CA SER C 104 2.06 34.65 28.18
C SER C 104 1.03 35.63 28.78
N LYS C 105 1.37 36.92 28.84
CA LYS C 105 0.41 38.00 29.23
C LYS C 105 -0.81 37.99 28.31
N TYR C 106 -0.60 37.56 27.06
CA TYR C 106 -1.66 37.58 26.06
C TYR C 106 -2.16 36.17 25.68
N ARG C 107 -1.90 35.15 26.51
CA ARG C 107 -2.42 33.77 26.30
C ARG C 107 -3.95 33.85 26.19
N ALA C 108 -4.50 33.24 25.13
CA ALA C 108 -5.94 33.30 24.86
C ALA C 108 -6.60 31.92 24.81
N ALA C 109 -5.78 30.90 24.67
CA ALA C 109 -6.25 29.55 24.61
C ALA C 109 -5.15 28.59 25.02
N THR C 110 -5.60 27.41 25.44
CA THR C 110 -4.75 26.28 25.73
C THR C 110 -5.32 25.11 24.91
N CYS C 111 -4.54 24.05 24.84
CA CYS C 111 -4.94 22.78 24.20
C CYS C 111 -4.50 21.63 25.10
N SER C 112 -5.38 20.65 25.31
CA SER C 112 -5.06 19.48 26.14
C SER C 112 -4.66 18.25 25.34
N LYS C 113 -5.23 18.12 24.14
CA LYS C 113 -5.06 16.92 23.33
C LYS C 113 -5.51 17.21 21.90
N TYR C 114 -5.19 16.30 21.00
CA TYR C 114 -5.78 16.32 19.68
C TYR C 114 -5.98 14.87 19.20
N THR C 115 -6.81 14.71 18.17
CA THR C 115 -7.21 13.42 17.63
C THR C 115 -7.02 13.47 16.11
N GLU C 116 -6.38 12.45 15.57
CA GLU C 116 -6.22 12.28 14.12
C GLU C 116 -7.28 11.29 13.63
N LEU C 117 -7.89 11.60 12.51
CA LEU C 117 -8.91 10.71 11.96
C LEU C 117 -8.28 9.78 10.93
N PRO C 118 -8.90 8.61 10.67
CA PRO C 118 -8.28 7.67 9.74
C PRO C 118 -8.32 8.12 8.28
N TYR C 119 -7.28 7.75 7.55
CA TYR C 119 -7.10 8.20 6.16
C TYR C 119 -8.28 7.89 5.26
N GLY C 120 -8.78 8.94 4.60
CA GLY C 120 -9.81 8.79 3.57
C GLY C 120 -11.23 8.44 3.97
N ARG C 121 -11.49 8.40 5.29
CA ARG C 121 -12.77 8.03 5.88
C ARG C 121 -13.69 9.23 6.01
N GLU C 122 -14.41 9.51 4.95
CA GLU C 122 -15.40 10.59 4.96
C GLU C 122 -16.58 10.38 5.90
N ASP C 123 -16.88 9.10 6.20
CA ASP C 123 -17.89 8.78 7.19
C ASP C 123 -17.47 9.20 8.61
N VAL C 124 -16.22 8.88 8.94
CA VAL C 124 -15.63 9.26 10.22
C VAL C 124 -15.52 10.79 10.28
N LEU C 125 -15.12 11.42 9.16
CA LEU C 125 -15.04 12.88 9.17
C LEU C 125 -16.41 13.50 9.40
N LYS C 126 -17.46 12.90 8.81
CA LYS C 126 -18.82 13.46 8.97
C LYS C 126 -19.23 13.45 10.45
N GLU C 127 -18.96 12.34 11.09
CA GLU C 127 -19.25 12.13 12.50
C GLU C 127 -18.53 13.16 13.37
N ALA C 128 -17.23 13.38 13.09
CA ALA C 128 -16.45 14.32 13.89
C ALA C 128 -16.97 15.75 13.72
N VAL C 129 -17.25 16.14 12.48
CA VAL C 129 -17.81 17.49 12.23
C VAL C 129 -19.16 17.72 12.93
N ALA C 130 -20.00 16.71 12.87
CA ALA C 130 -21.30 16.79 13.56
C ALA C 130 -21.17 16.87 15.09
N ASN C 131 -20.26 16.05 15.63
CA ASN C 131 -20.26 15.75 17.08
C ASN C 131 -19.19 16.47 17.88
N LYS C 132 -18.12 16.90 17.20
CA LYS C 132 -16.95 17.46 17.90
C LYS C 132 -16.76 18.94 17.58
N GLY C 133 -16.89 19.32 16.30
CA GLY C 133 -16.68 20.69 15.90
C GLY C 133 -15.93 20.71 14.58
N PRO C 134 -15.53 21.91 14.13
CA PRO C 134 -14.74 22.03 12.91
C PRO C 134 -13.46 21.16 12.99
N VAL C 135 -13.04 20.61 11.86
CA VAL C 135 -11.91 19.69 11.80
C VAL C 135 -10.88 20.26 10.84
N SER C 136 -9.62 20.35 11.28
CA SER C 136 -8.53 20.70 10.37
C SER C 136 -8.29 19.60 9.35
N VAL C 137 -8.11 19.98 8.09
CA VAL C 137 -7.85 19.03 7.04
C VAL C 137 -6.87 19.61 6.02
N GLY C 138 -6.18 18.73 5.30
CA GLY C 138 -5.43 19.13 4.11
C GLY C 138 -6.26 18.84 2.88
N VAL C 139 -6.01 19.61 1.83
CA VAL C 139 -6.62 19.37 0.53
C VAL C 139 -5.58 19.56 -0.56
N ASP C 140 -5.81 18.95 -1.72
CA ASP C 140 -5.06 19.23 -2.95
C ASP C 140 -5.69 20.47 -3.62
N ALA C 141 -5.00 21.59 -3.45
CA ALA C 141 -5.48 22.89 -3.95
C ALA C 141 -4.71 23.34 -5.21
N ARG C 142 -3.88 22.46 -5.77
CA ARG C 142 -2.94 22.86 -6.85
C ARG C 142 -3.57 22.68 -8.24
N HIS C 143 -4.72 23.30 -8.42
CA HIS C 143 -5.43 23.27 -9.70
C HIS C 143 -6.06 24.62 -9.87
N PRO C 144 -6.03 25.18 -11.10
CA PRO C 144 -6.57 26.51 -11.28
C PRO C 144 -8.06 26.62 -10.95
N SER C 145 -8.81 25.52 -11.05
CA SER C 145 -10.24 25.57 -10.73
C SER C 145 -10.42 25.88 -9.25
N PHE C 146 -9.43 25.53 -8.45
CA PHE C 146 -9.54 25.81 -7.00
C PHE C 146 -9.38 27.32 -6.70
N PHE C 147 -8.28 27.91 -7.19
CA PHE C 147 -8.02 29.37 -7.09
C PHE C 147 -9.21 30.15 -7.68
N LEU C 148 -9.77 29.65 -8.79
CA LEU C 148 -10.86 30.35 -9.47
C LEU C 148 -12.29 30.02 -9.03
N TYR C 149 -12.44 29.18 -7.99
CA TYR C 149 -13.76 28.83 -7.50
C TYR C 149 -14.58 30.03 -7.05
N ARG C 150 -15.84 30.05 -7.46
CA ARG C 150 -16.80 31.10 -7.09
C ARG C 150 -18.01 30.63 -6.28
N SER C 151 -18.65 29.55 -6.70
CA SER C 151 -19.90 29.07 -6.09
C SER C 151 -20.19 27.63 -6.44
N GLY C 152 -21.15 27.04 -5.72
CA GLY C 152 -21.63 25.72 -6.03
C GLY C 152 -20.74 24.68 -5.38
N VAL C 153 -20.94 23.44 -5.75
CA VAL C 153 -20.13 22.39 -5.16
C VAL C 153 -18.95 22.10 -6.06
N TYR C 154 -17.75 22.29 -5.50
CA TYR C 154 -16.52 22.12 -6.22
C TYR C 154 -16.19 20.65 -6.50
N TYR C 155 -16.02 20.33 -7.78
CA TYR C 155 -15.49 19.04 -8.22
C TYR C 155 -14.39 19.22 -9.29
N GLU C 156 -13.22 18.63 -9.03
CA GLU C 156 -12.10 18.74 -9.96
C GLU C 156 -11.62 17.36 -10.37
N PRO C 157 -11.90 16.93 -11.62
CA PRO C 157 -11.50 15.55 -12.00
C PRO C 157 -9.99 15.24 -11.88
N SER C 158 -9.12 16.25 -11.93
CA SER C 158 -7.67 16.01 -11.85
C SER C 158 -7.15 16.06 -10.39
N CYS C 159 -8.07 16.23 -9.44
CA CYS C 159 -7.67 16.30 -8.03
C CYS C 159 -7.09 14.97 -7.60
N THR C 160 -6.13 15.04 -6.69
CA THR C 160 -5.50 13.87 -6.09
C THR C 160 -5.81 13.87 -4.61
N GLN C 161 -5.46 12.77 -3.96
CA GLN C 161 -5.65 12.63 -2.51
C GLN C 161 -4.46 13.16 -1.72
N ASN C 162 -3.44 13.64 -2.42
CA ASN C 162 -2.24 14.16 -1.79
C ASN C 162 -2.40 15.64 -1.47
N VAL C 163 -2.33 15.95 -0.19
CA VAL C 163 -2.64 17.27 0.31
C VAL C 163 -1.45 18.23 0.26
N ASN C 164 -1.78 19.50 0.02
CA ASN C 164 -0.75 20.53 -0.10
C ASN C 164 -1.20 21.87 0.47
N HIS C 165 -2.40 21.93 1.05
CA HIS C 165 -2.96 23.18 1.54
C HIS C 165 -3.85 22.87 2.74
N GLY C 166 -3.66 23.59 3.84
CA GLY C 166 -4.40 23.41 5.10
C GLY C 166 -5.65 24.25 5.15
N VAL C 167 -6.78 23.61 5.46
CA VAL C 167 -8.08 24.33 5.50
C VAL C 167 -8.90 23.80 6.67
N LEU C 168 -10.14 24.29 6.81
CA LEU C 168 -10.92 23.90 7.99
C LEU C 168 -12.30 23.51 7.56
N VAL C 169 -12.71 22.29 7.90
CA VAL C 169 -14.10 21.87 7.61
C VAL C 169 -15.00 22.35 8.69
N VAL C 170 -15.91 23.25 8.34
CA VAL C 170 -16.80 23.81 9.35
C VAL C 170 -18.22 23.29 9.22
N GLY C 171 -18.46 22.37 8.29
CA GLY C 171 -19.81 21.77 8.13
C GLY C 171 -19.93 20.89 6.91
N TYR C 172 -21.17 20.52 6.59
CA TYR C 172 -21.48 19.72 5.43
C TYR C 172 -22.95 19.83 5.11
N GLY C 173 -23.31 19.37 3.92
CA GLY C 173 -24.71 19.31 3.51
C GLY C 173 -24.90 18.77 2.12
N ASP C 174 -26.02 19.18 1.52
CA ASP C 174 -26.38 18.72 0.18
C ASP C 174 -26.99 19.95 -0.53
N LEU C 175 -26.38 20.36 -1.62
CA LEU C 175 -26.89 21.49 -2.41
C LEU C 175 -27.54 20.97 -3.67
N ASN C 176 -28.87 21.02 -3.70
CA ASN C 176 -29.65 20.48 -4.82
C ASN C 176 -29.05 19.18 -5.36
N GLY C 177 -28.94 18.15 -4.52
CA GLY C 177 -28.47 16.84 -4.96
C GLY C 177 -26.97 16.59 -4.90
N LYS C 178 -26.19 17.63 -4.63
CA LYS C 178 -24.74 17.48 -4.57
C LYS C 178 -24.24 17.56 -3.12
N GLU C 179 -23.68 16.46 -2.63
CA GLU C 179 -23.20 16.42 -1.24
C GLU C 179 -21.88 17.18 -1.21
N TYR C 180 -21.70 17.96 -0.15
CA TYR C 180 -20.51 18.79 0.01
C TYR C 180 -20.01 18.83 1.44
N TRP C 181 -18.73 19.20 1.53
CA TRP C 181 -18.05 19.71 2.73
C TRP C 181 -18.03 21.25 2.68
N LEU C 182 -18.35 21.90 3.80
CA LEU C 182 -18.21 23.38 3.89
C LEU C 182 -16.85 23.69 4.46
N VAL C 183 -16.01 24.31 3.64
CA VAL C 183 -14.60 24.52 4.02
C VAL C 183 -14.26 26.02 4.11
N LYS C 184 -13.72 26.43 5.26
CA LYS C 184 -13.15 27.75 5.48
C LYS C 184 -11.72 27.77 4.97
N ASN C 185 -11.44 28.65 4.01
CA ASN C 185 -10.07 28.85 3.52
C ASN C 185 -9.41 30.05 4.23
N SER C 186 -8.14 30.34 3.89
CA SER C 186 -7.39 31.46 4.50
C SER C 186 -6.77 32.36 3.38
N TRP C 187 -7.59 32.56 2.37
CA TRP C 187 -7.26 33.39 1.18
C TRP C 187 -8.10 34.65 1.12
N GLY C 188 -8.58 35.06 2.29
CA GLY C 188 -9.41 36.24 2.42
C GLY C 188 -10.85 36.05 2.01
N HIS C 189 -11.66 37.08 2.23
CA HIS C 189 -13.10 36.95 1.97
C HIS C 189 -13.42 37.03 0.47
N ASN C 190 -12.46 37.46 -0.34
CA ASN C 190 -12.70 37.52 -1.76
C ASN C 190 -12.56 36.17 -2.47
N PHE C 191 -12.03 35.18 -1.78
CA PHE C 191 -12.01 33.83 -2.31
C PHE C 191 -13.40 33.16 -2.19
N GLY C 192 -13.86 32.52 -3.26
CA GLY C 192 -15.06 31.70 -3.22
C GLY C 192 -16.33 32.40 -2.73
N GLU C 193 -17.08 31.72 -1.86
CA GLU C 193 -18.30 32.26 -1.26
C GLU C 193 -17.90 32.89 0.08
N GLU C 194 -17.50 34.16 0.04
CA GLU C 194 -17.12 34.94 1.22
C GLU C 194 -16.01 34.29 2.05
N GLY C 195 -15.09 33.62 1.34
CA GLY C 195 -13.92 33.02 1.96
C GLY C 195 -14.02 31.51 2.07
N TYR C 196 -15.19 30.98 1.69
CA TYR C 196 -15.52 29.53 1.80
C TYR C 196 -15.65 28.83 0.47
N ILE C 197 -15.36 27.53 0.48
CA ILE C 197 -15.58 26.66 -0.71
C ILE C 197 -16.38 25.45 -0.26
N ARG C 198 -17.40 25.08 -1.04
CA ARG C 198 -18.11 23.84 -0.76
C ARG C 198 -17.48 22.81 -1.63
N MET C 199 -16.95 21.75 -1.04
CA MET C 199 -16.18 20.76 -1.81
C MET C 199 -16.92 19.42 -1.86
N ALA C 200 -16.81 18.70 -2.97
CA ALA C 200 -17.55 17.45 -3.16
C ALA C 200 -17.32 16.45 -2.02
N ARG C 201 -18.43 15.86 -1.55
CA ARG C 201 -18.42 14.94 -0.39
C ARG C 201 -18.93 13.59 -0.92
N ASN C 202 -18.37 12.52 -0.38
CA ASN C 202 -18.72 11.14 -0.78
C ASN C 202 -18.39 10.89 -2.26
N LYS C 203 -17.24 11.41 -2.70
CA LYS C 203 -16.76 11.18 -4.05
C LYS C 203 -15.32 10.66 -4.01
N GLY C 204 -15.10 9.69 -3.14
CA GLY C 204 -13.82 8.98 -3.13
C GLY C 204 -12.68 9.78 -2.57
N ASN C 205 -12.96 10.47 -1.47
CA ASN C 205 -11.96 11.35 -0.82
C ASN C 205 -11.48 12.38 -1.81
N HIS C 206 -12.44 13.14 -2.34
CA HIS C 206 -12.11 14.11 -3.38
C HIS C 206 -11.15 15.19 -2.85
N CYS C 207 -10.07 15.41 -3.62
CA CYS C 207 -9.01 16.37 -3.29
C CYS C 207 -8.36 16.04 -1.95
N GLY C 208 -8.55 14.82 -1.47
CA GLY C 208 -7.88 14.44 -0.23
C GLY C 208 -8.41 15.05 1.04
N ILE C 209 -9.65 15.52 1.01
CA ILE C 209 -10.19 16.25 2.14
C ILE C 209 -10.23 15.42 3.39
N ALA C 210 -10.36 14.10 3.24
CA ALA C 210 -10.35 13.23 4.43
C ALA C 210 -9.05 12.46 4.58
N SER C 211 -8.02 12.82 3.85
CA SER C 211 -6.69 12.19 3.99
C SER C 211 -6.08 12.36 5.42
N PHE C 212 -5.98 13.59 5.90
CA PHE C 212 -5.33 13.84 7.21
C PHE C 212 -6.13 14.83 8.09
N PRO C 213 -7.25 14.37 8.64
CA PRO C 213 -8.08 15.30 9.41
C PRO C 213 -7.65 15.24 10.86
N SER C 214 -7.73 16.34 11.58
CA SER C 214 -7.45 16.29 13.01
C SER C 214 -8.24 17.40 13.71
N TYR C 215 -8.50 17.23 15.01
CA TYR C 215 -9.11 18.29 15.77
C TYR C 215 -8.58 18.31 17.20
N PRO C 216 -8.48 19.51 17.79
CA PRO C 216 -7.98 19.62 19.16
C PRO C 216 -9.12 19.65 20.15
N GLU C 217 -8.79 19.48 21.43
CA GLU C 217 -9.74 19.64 22.50
C GLU C 217 -9.08 20.39 23.65
N ILE C 218 -9.91 21.08 24.43
CA ILE C 218 -9.45 21.86 25.59
C ILE C 218 -9.99 21.17 26.86
N GLU C 219 -9.06 20.87 27.78
CA GLU C 219 -9.34 20.20 29.06
C GLU C 219 -10.69 20.56 29.70
N ILE D 1 -27.07 13.72 -11.44
CA ILE D 1 -27.62 13.45 -10.07
C ILE D 1 -28.39 12.13 -10.06
N LEU D 2 -28.02 11.27 -9.11
CA LEU D 2 -28.49 9.88 -9.09
C LEU D 2 -29.78 9.76 -8.28
N PRO D 3 -30.61 8.73 -8.58
CA PRO D 3 -31.82 8.53 -7.76
C PRO D 3 -31.43 8.26 -6.31
N ASP D 4 -32.34 8.56 -5.39
CA ASP D 4 -32.02 8.36 -3.97
C ASP D 4 -32.17 6.88 -3.60
N SER D 5 -32.99 6.18 -4.36
CA SER D 5 -33.28 4.76 -4.13
C SER D 5 -33.30 4.02 -5.44
N VAL D 6 -32.74 2.81 -5.44
CA VAL D 6 -32.72 1.93 -6.59
C VAL D 6 -33.06 0.49 -6.12
N ASP D 7 -33.93 -0.17 -6.86
CA ASP D 7 -34.24 -1.59 -6.65
C ASP D 7 -34.55 -2.22 -8.02
N TRP D 8 -33.53 -2.85 -8.60
CA TRP D 8 -33.66 -3.55 -9.87
C TRP D 8 -34.72 -4.67 -9.90
N ARG D 9 -35.15 -5.14 -8.73
CA ARG D 9 -36.26 -6.09 -8.70
C ARG D 9 -37.52 -5.46 -9.32
N GLU D 10 -37.68 -4.15 -9.12
CA GLU D 10 -38.84 -3.42 -9.64
C GLU D 10 -38.83 -3.23 -11.14
N LYS D 11 -37.70 -3.54 -11.80
CA LYS D 11 -37.61 -3.52 -13.26
C LYS D 11 -37.67 -4.92 -13.86
N GLY D 12 -37.91 -5.90 -13.02
CA GLY D 12 -38.03 -7.29 -13.44
C GLY D 12 -36.69 -7.80 -13.95
N CYS D 13 -35.61 -7.29 -13.35
CA CYS D 13 -34.22 -7.60 -13.76
C CYS D 13 -33.54 -8.63 -12.83
N VAL D 14 -34.27 -9.10 -11.82
CA VAL D 14 -33.70 -9.99 -10.80
C VAL D 14 -34.48 -11.29 -10.72
N THR D 15 -33.79 -12.43 -10.90
CA THR D 15 -34.44 -13.73 -10.83
C THR D 15 -34.64 -14.18 -9.36
N GLU D 16 -35.37 -15.29 -9.18
CA GLU D 16 -35.60 -15.82 -7.83
C GLU D 16 -34.29 -16.07 -7.09
N VAL D 17 -34.34 -16.00 -5.77
CA VAL D 17 -33.16 -16.30 -4.96
C VAL D 17 -32.85 -17.77 -5.05
N LYS D 18 -31.56 -18.05 -5.25
CA LYS D 18 -31.06 -19.43 -5.33
C LYS D 18 -30.49 -19.89 -3.99
N TYR D 19 -30.25 -21.20 -3.87
CA TYR D 19 -29.73 -21.80 -2.65
C TYR D 19 -28.48 -22.62 -3.02
N GLN D 20 -27.31 -22.16 -2.59
CA GLN D 20 -26.05 -22.82 -2.94
C GLN D 20 -25.79 -24.13 -2.17
N GLY D 21 -26.40 -24.28 -1.00
CA GLY D 21 -26.14 -25.44 -0.12
C GLY D 21 -24.70 -25.49 0.36
N SER D 22 -24.12 -26.68 0.45
CA SER D 22 -22.75 -26.78 1.01
C SER D 22 -21.61 -26.51 0.00
N CYS D 23 -21.99 -26.20 -1.24
CA CYS D 23 -21.03 -25.93 -2.31
C CYS D 23 -20.72 -24.43 -2.43
N GLY D 24 -19.43 -24.09 -2.47
CA GLY D 24 -18.97 -22.69 -2.50
C GLY D 24 -19.09 -22.06 -3.89
N ALA D 25 -20.31 -22.00 -4.41
CA ALA D 25 -20.58 -21.56 -5.76
C ALA D 25 -21.18 -20.15 -5.78
N CYS D 26 -21.05 -19.43 -4.66
CA CYS D 26 -21.51 -18.05 -4.53
C CYS D 26 -20.99 -17.19 -5.68
N TRP D 27 -19.72 -17.35 -6.04
CA TRP D 27 -19.13 -16.61 -7.18
C TRP D 27 -19.89 -16.82 -8.51
N ALA D 28 -20.34 -18.05 -8.73
CA ALA D 28 -21.08 -18.41 -9.93
C ALA D 28 -22.47 -17.79 -9.87
N PHE D 29 -23.08 -17.81 -8.70
CA PHE D 29 -24.40 -17.18 -8.53
C PHE D 29 -24.35 -15.67 -8.75
N SER D 30 -23.32 -15.04 -8.20
CA SER D 30 -23.18 -13.60 -8.33
C SER D 30 -23.02 -13.30 -9.82
N ALA D 31 -22.14 -14.03 -10.51
CA ALA D 31 -21.95 -13.79 -11.96
C ALA D 31 -23.20 -13.96 -12.80
N VAL D 32 -23.91 -15.08 -12.61
CA VAL D 32 -25.10 -15.26 -13.42
C VAL D 32 -26.15 -14.21 -13.07
N GLY D 33 -26.22 -13.79 -11.81
CA GLY D 33 -27.24 -12.79 -11.46
C GLY D 33 -27.03 -11.43 -12.15
N ALA D 34 -25.76 -11.03 -12.25
CA ALA D 34 -25.40 -9.80 -12.92
C ALA D 34 -25.78 -9.91 -14.41
N LEU D 35 -25.47 -11.05 -15.02
CA LEU D 35 -25.73 -11.23 -16.46
C LEU D 35 -27.23 -11.36 -16.75
N GLU D 36 -27.96 -11.96 -15.82
CA GLU D 36 -29.42 -12.11 -15.93
C GLU D 36 -30.06 -10.74 -16.09
N ALA D 37 -29.57 -9.76 -15.34
CA ALA D 37 -30.14 -8.41 -15.45
C ALA D 37 -29.88 -7.77 -16.82
N GLN D 38 -28.65 -7.90 -17.32
CA GLN D 38 -28.33 -7.38 -18.65
C GLN D 38 -29.12 -8.10 -19.74
N LEU D 39 -29.35 -9.41 -19.58
CA LEU D 39 -30.15 -10.18 -20.54
C LEU D 39 -31.57 -9.63 -20.58
N LYS D 40 -32.16 -9.39 -19.41
CA LYS D 40 -33.50 -8.77 -19.35
C LYS D 40 -33.52 -7.39 -20.00
N LEU D 41 -32.50 -6.60 -19.75
CA LEU D 41 -32.45 -5.22 -20.29
C LEU D 41 -32.34 -5.21 -21.81
N LYS D 42 -31.69 -6.21 -22.38
CA LYS D 42 -31.50 -6.23 -23.82
C LYS D 42 -32.70 -6.82 -24.54
N THR D 43 -33.31 -7.87 -23.97
CA THR D 43 -34.26 -8.75 -24.67
C THR D 43 -35.69 -8.71 -24.10
N GLY D 44 -35.82 -8.24 -22.87
CA GLY D 44 -37.11 -8.26 -22.16
C GLY D 44 -37.46 -9.58 -21.52
N LYS D 45 -36.55 -10.55 -21.62
CA LYS D 45 -36.78 -11.89 -21.09
C LYS D 45 -36.03 -12.05 -19.76
N LEU D 46 -36.72 -12.56 -18.75
CA LEU D 46 -36.09 -12.85 -17.45
C LEU D 46 -35.88 -14.33 -17.28
N VAL D 47 -34.61 -14.75 -17.29
CA VAL D 47 -34.28 -16.18 -17.38
C VAL D 47 -33.10 -16.44 -16.44
N SER D 48 -33.25 -17.40 -15.53
CA SER D 48 -32.14 -17.78 -14.68
C SER D 48 -31.11 -18.50 -15.52
N LEU D 49 -29.85 -18.14 -15.32
CA LEU D 49 -28.73 -18.72 -16.04
C LEU D 49 -28.02 -19.74 -15.16
N SER D 50 -27.26 -20.63 -15.78
CA SER D 50 -26.73 -21.81 -15.11
C SER D 50 -25.46 -21.55 -14.30
N ALA D 51 -25.63 -21.46 -12.98
CA ALA D 51 -24.49 -21.45 -12.11
C ALA D 51 -23.68 -22.74 -12.23
N GLN D 52 -24.37 -23.86 -12.40
CA GLN D 52 -23.70 -25.14 -12.58
C GLN D 52 -22.76 -25.17 -13.79
N ASN D 53 -23.19 -24.57 -14.89
CA ASN D 53 -22.35 -24.39 -16.08
C ASN D 53 -20.99 -23.76 -15.74
N LEU D 54 -21.03 -22.71 -14.92
CA LEU D 54 -19.79 -22.09 -14.45
C LEU D 54 -18.97 -23.02 -13.55
N VAL D 55 -19.62 -23.64 -12.57
CA VAL D 55 -18.96 -24.54 -11.63
C VAL D 55 -18.23 -25.63 -12.36
N ASP D 56 -18.90 -26.23 -13.34
CA ASP D 56 -18.29 -27.34 -14.12
C ASP D 56 -17.25 -26.96 -15.18
N CYS D 57 -17.47 -25.83 -15.85
CA CYS D 57 -16.77 -25.53 -17.09
C CYS D 57 -15.74 -24.44 -16.98
N SER D 58 -15.96 -23.49 -16.06
CA SER D 58 -15.04 -22.37 -15.86
C SER D 58 -14.16 -22.75 -14.68
N THR D 59 -13.05 -23.43 -14.99
CA THR D 59 -12.22 -24.01 -13.93
C THR D 59 -10.85 -23.37 -13.89
N GLU D 60 -9.79 -24.16 -13.90
CA GLU D 60 -8.46 -23.66 -13.53
C GLU D 60 -7.93 -22.57 -14.45
N LYS D 61 -8.27 -22.67 -15.75
CA LYS D 61 -7.85 -21.71 -16.75
C LYS D 61 -8.46 -20.33 -16.44
N TYR D 62 -9.48 -20.34 -15.58
CA TYR D 62 -10.14 -19.11 -15.09
C TYR D 62 -9.86 -18.83 -13.61
N GLY D 63 -8.90 -19.55 -13.03
CA GLY D 63 -8.59 -19.41 -11.59
C GLY D 63 -9.68 -19.91 -10.65
N ASN D 64 -10.64 -20.65 -11.20
CA ASN D 64 -11.80 -21.09 -10.44
C ASN D 64 -11.70 -22.55 -10.01
N LYS D 65 -12.30 -22.85 -8.85
CA LYS D 65 -12.20 -24.17 -8.21
C LYS D 65 -13.57 -24.74 -7.85
N GLY D 66 -14.56 -24.49 -8.70
CA GLY D 66 -15.90 -25.05 -8.53
C GLY D 66 -16.47 -24.78 -7.15
N CYS D 67 -16.81 -25.84 -6.43
CA CYS D 67 -17.35 -25.70 -5.05
C CYS D 67 -16.39 -25.15 -3.99
N ASN D 68 -15.11 -25.01 -4.35
CA ASN D 68 -14.13 -24.40 -3.49
C ASN D 68 -13.90 -22.91 -3.72
N GLY D 69 -14.61 -22.32 -4.67
CA GLY D 69 -14.59 -20.86 -4.80
C GLY D 69 -14.15 -20.42 -6.18
N GLY D 70 -14.33 -19.16 -6.51
CA GLY D 70 -13.92 -18.65 -7.82
C GLY D 70 -14.08 -17.15 -7.90
N PHE D 71 -14.11 -16.62 -9.12
CA PHE D 71 -14.19 -15.18 -9.37
C PHE D 71 -15.30 -14.87 -10.35
N MET D 72 -16.07 -13.81 -10.08
CA MET D 72 -17.07 -13.34 -11.00
C MET D 72 -16.46 -12.81 -12.30
N THR D 73 -15.32 -12.10 -12.23
CA THR D 73 -14.72 -11.54 -13.44
C THR D 73 -14.30 -12.64 -14.41
N THR D 74 -13.65 -13.65 -13.86
CA THR D 74 -13.18 -14.74 -14.70
C THR D 74 -14.32 -15.63 -15.20
N ALA D 75 -15.42 -15.69 -14.45
CA ALA D 75 -16.64 -16.32 -14.91
C ALA D 75 -17.18 -15.59 -16.14
N PHE D 76 -17.23 -14.26 -16.08
CA PHE D 76 -17.63 -13.49 -17.26
C PHE D 76 -16.70 -13.79 -18.42
N GLN D 77 -15.39 -13.89 -18.16
CA GLN D 77 -14.45 -14.14 -19.25
C GLN D 77 -14.71 -15.50 -19.89
N TYR D 78 -15.04 -16.50 -19.08
CA TYR D 78 -15.44 -17.82 -19.62
C TYR D 78 -16.64 -17.70 -20.54
N ILE D 79 -17.65 -16.93 -20.09
CA ILE D 79 -18.86 -16.83 -20.88
C ILE D 79 -18.50 -16.15 -22.22
N ILE D 80 -17.61 -15.16 -22.18
CA ILE D 80 -17.17 -14.49 -23.42
C ILE D 80 -16.45 -15.53 -24.30
N ASP D 81 -15.41 -16.14 -23.76
CA ASP D 81 -14.64 -17.16 -24.49
C ASP D 81 -15.49 -18.30 -25.07
N ASN D 82 -16.45 -18.80 -24.28
CA ASN D 82 -17.31 -19.94 -24.62
C ASN D 82 -18.41 -19.57 -25.62
N LYS D 83 -18.54 -18.26 -25.86
CA LYS D 83 -19.63 -17.69 -26.66
C LYS D 83 -21.02 -18.10 -26.18
N GLY D 84 -21.17 -18.28 -24.87
CA GLY D 84 -22.48 -18.57 -24.34
C GLY D 84 -22.49 -19.17 -22.94
N ILE D 85 -23.67 -19.12 -22.34
CA ILE D 85 -23.96 -19.82 -21.10
C ILE D 85 -25.39 -20.38 -21.18
N ASP D 86 -25.57 -21.60 -20.69
CA ASP D 86 -26.85 -22.29 -20.76
C ASP D 86 -27.87 -21.70 -19.78
N SER D 87 -29.14 -21.92 -20.05
CA SER D 87 -30.18 -21.61 -19.06
C SER D 87 -30.05 -22.50 -17.81
N ASP D 88 -30.50 -21.99 -16.65
CA ASP D 88 -30.53 -22.80 -15.44
C ASP D 88 -31.38 -24.09 -15.64
N ALA D 89 -32.48 -23.96 -16.36
CA ALA D 89 -33.41 -25.09 -16.56
C ALA D 89 -32.77 -26.25 -17.31
N SER D 90 -31.94 -25.92 -18.28
CA SER D 90 -31.27 -26.93 -19.11
C SER D 90 -30.06 -27.56 -18.42
N TYR D 91 -29.47 -26.79 -17.51
CA TYR D 91 -28.20 -27.16 -16.87
C TYR D 91 -28.33 -26.81 -15.38
N PRO D 92 -29.13 -27.60 -14.63
CA PRO D 92 -29.53 -27.26 -13.25
C PRO D 92 -28.43 -27.42 -12.22
N TYR D 93 -28.59 -26.75 -11.09
CA TYR D 93 -27.59 -26.68 -10.06
C TYR D 93 -27.68 -27.90 -9.15
N LYS D 94 -26.54 -28.54 -8.95
CA LYS D 94 -26.45 -29.80 -8.19
C LYS D 94 -25.59 -29.70 -6.94
N ALA D 95 -25.03 -28.52 -6.68
CA ALA D 95 -24.21 -28.28 -5.49
C ALA D 95 -23.04 -29.26 -5.34
N MET D 96 -22.41 -29.58 -6.47
CA MET D 96 -21.18 -30.38 -6.49
C MET D 96 -20.47 -30.24 -7.82
N ASP D 97 -19.15 -30.43 -7.85
CA ASP D 97 -18.41 -30.43 -9.12
C ASP D 97 -18.88 -31.56 -10.01
N GLN D 98 -19.04 -31.27 -11.29
CA GLN D 98 -19.39 -32.28 -12.31
C GLN D 98 -18.50 -32.12 -13.53
N LYS D 99 -18.58 -33.09 -14.45
CA LYS D 99 -17.94 -32.93 -15.77
C LYS D 99 -18.63 -31.77 -16.46
N CYS D 100 -17.90 -31.06 -17.32
CA CYS D 100 -18.47 -29.94 -18.07
C CYS D 100 -19.43 -30.48 -19.14
N GLN D 101 -20.68 -30.01 -19.06
CA GLN D 101 -21.78 -30.50 -19.90
C GLN D 101 -22.47 -29.36 -20.65
N TYR D 102 -21.72 -28.31 -20.98
CA TYR D 102 -22.26 -27.20 -21.78
C TYR D 102 -22.83 -27.69 -23.12
N ASP D 103 -24.08 -27.30 -23.40
CA ASP D 103 -24.73 -27.55 -24.68
C ASP D 103 -25.21 -26.25 -25.34
N SER D 104 -24.60 -25.87 -26.47
CA SER D 104 -24.94 -24.61 -27.18
C SER D 104 -26.41 -24.50 -27.64
N LYS D 105 -27.08 -25.64 -27.84
CA LYS D 105 -28.50 -25.62 -28.21
C LYS D 105 -29.39 -25.11 -27.05
N TYR D 106 -28.83 -25.01 -25.85
CA TYR D 106 -29.55 -24.43 -24.72
C TYR D 106 -28.91 -23.11 -24.24
N ARG D 107 -28.09 -22.49 -25.08
CA ARG D 107 -27.53 -21.16 -24.77
C ARG D 107 -28.69 -20.20 -24.49
N ALA D 108 -28.63 -19.50 -23.36
CA ALA D 108 -29.65 -18.53 -23.02
C ALA D 108 -29.09 -17.09 -22.95
N ALA D 109 -27.77 -16.96 -22.94
CA ALA D 109 -27.14 -15.64 -22.94
C ALA D 109 -25.73 -15.68 -23.46
N THR D 110 -25.25 -14.48 -23.82
CA THR D 110 -23.88 -14.27 -24.22
C THR D 110 -23.35 -13.11 -23.41
N CYS D 111 -22.04 -12.93 -23.43
CA CYS D 111 -21.40 -11.77 -22.78
C CYS D 111 -20.37 -11.22 -23.76
N SER D 112 -20.32 -9.89 -23.91
CA SER D 112 -19.36 -9.25 -24.81
C SER D 112 -18.17 -8.67 -24.09
N LYS D 113 -18.41 -8.23 -22.85
CA LYS D 113 -17.37 -7.58 -22.07
C LYS D 113 -17.80 -7.56 -20.60
N TYR D 114 -16.86 -7.21 -19.75
CA TYR D 114 -17.19 -6.87 -18.37
C TYR D 114 -16.30 -5.69 -17.92
N THR D 115 -16.74 -5.02 -16.85
CA THR D 115 -16.06 -3.86 -16.31
C THR D 115 -15.78 -4.08 -14.84
N GLU D 116 -14.55 -3.82 -14.41
CA GLU D 116 -14.19 -3.88 -13.00
C GLU D 116 -14.20 -2.47 -12.44
N LEU D 117 -14.79 -2.29 -11.26
CA LEU D 117 -14.80 -0.97 -10.64
C LEU D 117 -13.62 -0.81 -9.70
N PRO D 118 -13.20 0.45 -9.42
CA PRO D 118 -12.02 0.60 -8.57
C PRO D 118 -12.23 0.27 -7.10
N TYR D 119 -11.20 -0.30 -6.49
CA TYR D 119 -11.24 -0.71 -5.09
C TYR D 119 -11.78 0.33 -4.11
N GLY D 120 -12.82 -0.08 -3.37
CA GLY D 120 -13.32 0.69 -2.24
C GLY D 120 -14.13 1.92 -2.58
N ARG D 121 -14.35 2.16 -3.88
CA ARG D 121 -15.06 3.34 -4.33
C ARG D 121 -16.57 3.13 -4.32
N GLU D 122 -17.18 3.48 -3.20
CA GLU D 122 -18.64 3.36 -3.08
C GLU D 122 -19.41 4.37 -3.92
N ASP D 123 -18.78 5.50 -4.22
CA ASP D 123 -19.38 6.48 -5.13
C ASP D 123 -19.52 5.91 -6.58
N VAL D 124 -18.46 5.24 -7.03
CA VAL D 124 -18.42 4.67 -8.34
C VAL D 124 -19.38 3.48 -8.35
N LEU D 125 -19.40 2.70 -7.27
CA LEU D 125 -20.39 1.61 -7.21
C LEU D 125 -21.82 2.13 -7.31
N LYS D 126 -22.10 3.26 -6.61
CA LYS D 126 -23.46 3.85 -6.64
C LYS D 126 -23.85 4.23 -8.08
N GLU D 127 -22.97 4.92 -8.76
CA GLU D 127 -23.17 5.30 -10.16
C GLU D 127 -23.45 4.09 -11.06
N ALA D 128 -22.69 3.01 -10.87
CA ALA D 128 -22.88 1.83 -11.70
C ALA D 128 -24.21 1.16 -11.44
N VAL D 129 -24.58 1.03 -10.17
CA VAL D 129 -25.87 0.45 -9.82
C VAL D 129 -27.04 1.27 -10.35
N ALA D 130 -26.93 2.59 -10.29
CA ALA D 130 -27.99 3.45 -10.83
C ALA D 130 -28.07 3.38 -12.36
N ASN D 131 -26.91 3.41 -13.03
CA ASN D 131 -26.83 3.66 -14.48
C ASN D 131 -26.64 2.42 -15.36
N LYS D 132 -26.12 1.34 -14.78
CA LYS D 132 -25.77 0.15 -15.58
C LYS D 132 -26.61 -1.07 -15.23
N GLY D 133 -26.77 -1.34 -13.93
CA GLY D 133 -27.57 -2.47 -13.50
C GLY D 133 -26.97 -3.05 -12.23
N PRO D 134 -27.49 -4.22 -11.78
CA PRO D 134 -26.87 -4.94 -10.67
C PRO D 134 -25.41 -5.22 -10.91
N VAL D 135 -24.63 -5.13 -9.84
CA VAL D 135 -23.17 -5.29 -9.88
C VAL D 135 -22.75 -6.44 -9.00
N SER D 136 -21.97 -7.38 -9.55
CA SER D 136 -21.37 -8.44 -8.73
C SER D 136 -20.33 -7.87 -7.79
N VAL D 137 -20.34 -8.32 -6.53
CA VAL D 137 -19.39 -7.86 -5.54
C VAL D 137 -18.99 -9.01 -4.61
N GLY D 138 -17.83 -8.91 -3.98
CA GLY D 138 -17.48 -9.76 -2.85
C GLY D 138 -17.76 -9.02 -1.58
N VAL D 139 -18.05 -9.79 -0.53
CA VAL D 139 -18.18 -9.26 0.82
C VAL D 139 -17.47 -10.18 1.79
N ASP D 140 -17.11 -9.62 2.95
CA ASP D 140 -16.65 -10.41 4.10
C ASP D 140 -17.90 -10.89 4.84
N ALA D 141 -18.23 -12.17 4.67
CA ALA D 141 -19.43 -12.77 5.27
C ALA D 141 -19.09 -13.72 6.43
N ARG D 142 -17.83 -13.71 6.85
CA ARG D 142 -17.33 -14.71 7.83
C ARG D 142 -17.48 -14.22 9.26
N HIS D 143 -18.71 -13.84 9.60
CA HIS D 143 -19.08 -13.37 10.94
C HIS D 143 -20.47 -13.88 11.24
N PRO D 144 -20.69 -14.31 12.50
CA PRO D 144 -21.99 -14.89 12.76
C PRO D 144 -23.16 -13.94 12.60
N SER D 145 -22.96 -12.62 12.76
CA SER D 145 -24.06 -11.66 12.56
C SER D 145 -24.56 -11.69 11.12
N PHE D 146 -23.68 -12.07 10.20
CA PHE D 146 -24.07 -12.16 8.77
C PHE D 146 -25.06 -13.29 8.52
N PHE D 147 -24.62 -14.50 8.87
N PHE D 147 -24.71 -14.52 8.86
CA PHE D 147 -25.42 -15.72 8.86
CA PHE D 147 -25.69 -15.60 8.63
C PHE D 147 -26.78 -15.53 9.56
C PHE D 147 -26.92 -15.48 9.54
N LEU D 148 -26.77 -14.83 10.69
CA LEU D 148 -27.95 -14.59 11.53
C LEU D 148 -28.77 -13.32 11.19
N TYR D 149 -28.39 -12.58 10.15
CA TYR D 149 -29.11 -11.35 9.80
C TYR D 149 -30.57 -11.60 9.47
N ARG D 150 -31.44 -10.74 9.97
CA ARG D 150 -32.89 -10.85 9.72
C ARG D 150 -33.54 -9.64 9.05
N SER D 151 -33.17 -8.43 9.47
CA SER D 151 -33.82 -7.22 8.98
C SER D 151 -33.01 -5.97 9.28
N GLY D 152 -33.41 -4.87 8.66
CA GLY D 152 -32.78 -3.58 8.90
C GLY D 152 -31.48 -3.47 8.14
N VAL D 153 -30.68 -2.50 8.53
CA VAL D 153 -29.41 -2.26 7.84
C VAL D 153 -28.27 -2.90 8.61
N TYR D 154 -27.61 -3.83 7.94
CA TYR D 154 -26.54 -4.62 8.54
C TYR D 154 -25.25 -3.83 8.74
N TYR D 155 -24.79 -3.80 9.98
CA TYR D 155 -23.47 -3.24 10.29
C TYR D 155 -22.73 -4.14 11.26
N GLU D 156 -21.51 -4.51 10.91
CA GLU D 156 -20.71 -5.42 11.74
C GLU D 156 -19.36 -4.77 12.03
N PRO D 157 -19.13 -4.34 13.28
CA PRO D 157 -17.84 -3.68 13.60
C PRO D 157 -16.57 -4.52 13.35
N SER D 158 -16.67 -5.83 13.37
CA SER D 158 -15.51 -6.66 13.14
C SER D 158 -15.30 -6.97 11.64
N CYS D 159 -16.13 -6.41 10.77
CA CYS D 159 -16.00 -6.71 9.33
C CYS D 159 -14.70 -6.18 8.80
N THR D 160 -14.17 -6.87 7.80
CA THR D 160 -12.98 -6.37 7.10
C THR D 160 -13.32 -6.08 5.66
N GLN D 161 -12.37 -5.50 4.93
CA GLN D 161 -12.55 -5.26 3.47
C GLN D 161 -12.10 -6.43 2.61
N ASN D 162 -11.69 -7.52 3.25
CA ASN D 162 -11.22 -8.71 2.53
C ASN D 162 -12.39 -9.65 2.28
N VAL D 163 -12.67 -9.84 1.02
CA VAL D 163 -13.85 -10.58 0.59
C VAL D 163 -13.67 -12.09 0.60
N ASN D 164 -14.76 -12.80 0.87
CA ASN D 164 -14.74 -14.27 0.89
C ASN D 164 -16.04 -14.87 0.39
N HIS D 165 -16.97 -14.01 -0.05
CA HIS D 165 -18.31 -14.46 -0.42
C HIS D 165 -18.87 -13.58 -1.55
N GLY D 166 -19.31 -14.22 -2.64
CA GLY D 166 -19.81 -13.47 -3.80
C GLY D 166 -21.30 -13.25 -3.72
N VAL D 167 -21.72 -12.01 -3.95
CA VAL D 167 -23.13 -11.60 -3.87
C VAL D 167 -23.43 -10.57 -4.95
N LEU D 168 -24.66 -10.04 -4.97
CA LEU D 168 -25.07 -9.18 -6.09
C LEU D 168 -25.72 -7.93 -5.56
N VAL D 169 -25.16 -6.77 -5.88
CA VAL D 169 -25.83 -5.51 -5.46
C VAL D 169 -26.92 -5.21 -6.45
N VAL D 170 -28.17 -5.23 -5.97
CA VAL D 170 -29.31 -4.95 -6.84
C VAL D 170 -29.95 -3.61 -6.57
N GLY D 171 -29.40 -2.82 -5.66
CA GLY D 171 -29.93 -1.49 -5.41
C GLY D 171 -29.29 -0.82 -4.22
N TYR D 172 -29.91 0.28 -3.80
CA TYR D 172 -29.46 1.05 -2.65
C TYR D 172 -30.55 2.00 -2.18
N GLY D 173 -30.36 2.50 -0.97
CA GLY D 173 -31.29 3.48 -0.43
C GLY D 173 -30.90 3.96 0.95
N ASP D 174 -31.93 4.41 1.68
CA ASP D 174 -31.71 4.98 3.00
C ASP D 174 -32.92 4.56 3.82
N LEU D 175 -32.71 3.69 4.81
CA LEU D 175 -33.81 3.25 5.70
C LEU D 175 -33.78 4.05 6.98
N ASN D 176 -34.79 4.89 7.16
CA ASN D 176 -34.92 5.74 8.35
C ASN D 176 -33.57 6.30 8.81
N GLY D 177 -32.85 6.95 7.90
CA GLY D 177 -31.56 7.56 8.24
C GLY D 177 -30.30 6.71 8.04
N LYS D 178 -30.47 5.43 7.74
CA LYS D 178 -29.31 4.56 7.54
C LYS D 178 -29.16 4.22 6.05
N GLU D 179 -28.05 4.66 5.46
CA GLU D 179 -27.79 4.37 4.03
C GLU D 179 -27.38 2.90 3.89
N TYR D 180 -27.88 2.26 2.85
CA TYR D 180 -27.61 0.84 2.60
C TYR D 180 -27.41 0.51 1.13
N TRP D 181 -26.77 -0.64 0.92
CA TRP D 181 -26.73 -1.41 -0.33
C TRP D 181 -27.78 -2.51 -0.22
N LEU D 182 -28.56 -2.74 -1.29
CA LEU D 182 -29.48 -3.87 -1.34
C LEU D 182 -28.80 -5.05 -2.02
N VAL D 183 -28.60 -6.13 -1.26
CA VAL D 183 -27.78 -7.25 -1.73
C VAL D 183 -28.58 -8.54 -1.84
N LYS D 184 -28.53 -9.13 -3.02
CA LYS D 184 -29.09 -10.48 -3.24
C LYS D 184 -28.07 -11.54 -2.88
N ASN D 185 -28.41 -12.43 -1.94
CA ASN D 185 -27.51 -13.53 -1.54
C ASN D 185 -27.96 -14.81 -2.26
N SER D 186 -27.25 -15.93 -2.04
CA SER D 186 -27.55 -17.23 -2.70
C SER D 186 -27.68 -18.33 -1.64
N TRP D 187 -28.32 -17.95 -0.53
CA TRP D 187 -28.52 -18.83 0.64
C TRP D 187 -30.01 -19.13 0.85
N GLY D 188 -30.78 -19.00 -0.24
CA GLY D 188 -32.19 -19.32 -0.26
C GLY D 188 -33.04 -18.20 0.28
N HIS D 189 -34.36 -18.36 0.20
CA HIS D 189 -35.32 -17.39 0.74
C HIS D 189 -35.32 -17.30 2.27
N ASN D 190 -34.83 -18.34 2.95
CA ASN D 190 -34.76 -18.38 4.42
C ASN D 190 -33.82 -17.32 4.97
N PHE D 191 -32.84 -16.94 4.17
CA PHE D 191 -31.86 -15.98 4.61
C PHE D 191 -32.41 -14.54 4.61
N GLY D 192 -32.15 -13.80 5.69
CA GLY D 192 -32.42 -12.36 5.73
C GLY D 192 -33.84 -11.94 5.42
N GLU D 193 -33.97 -10.96 4.54
CA GLU D 193 -35.26 -10.45 4.08
C GLU D 193 -35.57 -11.11 2.75
N GLU D 194 -36.18 -12.30 2.80
CA GLU D 194 -36.56 -13.04 1.60
C GLU D 194 -35.36 -13.33 0.66
N GLY D 195 -34.19 -13.54 1.26
CA GLY D 195 -32.98 -13.88 0.52
C GLY D 195 -32.02 -12.71 0.37
N TYR D 196 -32.46 -11.52 0.81
CA TYR D 196 -31.68 -10.26 0.73
C TYR D 196 -31.20 -9.72 2.04
N ILE D 197 -30.11 -8.97 1.98
CA ILE D 197 -29.56 -8.26 3.13
C ILE D 197 -29.32 -6.83 2.70
N ARG D 198 -29.71 -5.88 3.53
CA ARG D 198 -29.33 -4.49 3.31
C ARG D 198 -28.08 -4.24 4.10
N MET D 199 -27.02 -3.81 3.45
CA MET D 199 -25.70 -3.67 4.09
C MET D 199 -25.29 -2.19 4.16
N ALA D 200 -24.64 -1.80 5.26
CA ALA D 200 -24.24 -0.41 5.45
C ALA D 200 -23.46 0.16 4.25
N ARG D 201 -23.91 1.34 3.84
CA ARG D 201 -23.35 2.07 2.70
C ARG D 201 -22.75 3.37 3.21
N ASN D 202 -21.68 3.80 2.55
CA ASN D 202 -20.92 5.00 2.96
C ASN D 202 -20.40 4.90 4.39
N LYS D 203 -19.90 3.70 4.73
CA LYS D 203 -19.29 3.47 6.05
C LYS D 203 -17.91 2.84 5.84
N GLY D 204 -17.17 3.44 4.92
CA GLY D 204 -15.76 3.06 4.74
C GLY D 204 -15.55 1.71 4.10
N ASN D 205 -16.35 1.40 3.09
CA ASN D 205 -16.28 0.11 2.37
C ASN D 205 -16.58 -0.98 3.34
N HIS D 206 -17.73 -0.86 3.99
CA HIS D 206 -18.09 -1.81 5.03
C HIS D 206 -18.20 -3.25 4.46
N CYS D 207 -17.49 -4.17 5.12
CA CYS D 207 -17.41 -5.60 4.73
C CYS D 207 -16.85 -5.80 3.32
N GLY D 208 -16.14 -4.78 2.81
CA GLY D 208 -15.54 -4.89 1.49
C GLY D 208 -16.49 -4.90 0.32
N ILE D 209 -17.69 -4.35 0.49
CA ILE D 209 -18.71 -4.46 -0.54
C ILE D 209 -18.26 -3.81 -1.85
N ALA D 210 -17.44 -2.77 -1.72
CA ALA D 210 -16.91 -2.11 -2.91
C ALA D 210 -15.47 -2.47 -3.23
N SER D 211 -14.92 -3.49 -2.58
CA SER D 211 -13.54 -3.94 -2.89
C SER D 211 -13.32 -4.43 -4.35
N PHE D 212 -14.16 -5.38 -4.80
CA PHE D 212 -14.03 -5.96 -6.15
C PHE D 212 -15.36 -6.05 -6.90
N PRO D 213 -15.93 -4.89 -7.29
CA PRO D 213 -17.18 -4.97 -8.01
C PRO D 213 -16.93 -5.16 -9.50
N SER D 214 -17.84 -5.84 -10.19
CA SER D 214 -17.77 -5.94 -11.63
C SER D 214 -19.17 -6.13 -12.20
N TYR D 215 -19.33 -5.79 -13.47
CA TYR D 215 -20.60 -6.04 -14.15
C TYR D 215 -20.34 -6.35 -15.62
N PRO D 216 -21.12 -7.30 -16.16
CA PRO D 216 -20.98 -7.70 -17.56
C PRO D 216 -21.91 -6.86 -18.42
N GLU D 217 -21.69 -6.94 -19.74
CA GLU D 217 -22.58 -6.31 -20.69
C GLU D 217 -22.70 -7.24 -21.90
N ILE D 218 -23.80 -7.05 -22.62
CA ILE D 218 -24.14 -7.87 -23.80
C ILE D 218 -24.23 -6.99 -25.05
N GLU D 219 -23.64 -7.48 -26.13
CA GLU D 219 -23.61 -6.84 -27.46
C GLU D 219 -24.86 -6.02 -27.77
C7 2FZ E . 20.10 -26.64 -6.52
C6 2FZ E . 20.88 -32.83 -8.00
C1 2FZ E . 20.25 -32.71 -5.26
C5 2FZ E . 20.71 -33.92 -5.85
C4 2FZ E . 18.19 -24.86 -7.56
C3 2FZ E . 19.54 -24.53 -7.63
C2 2FZ E . 20.45 -31.64 -7.43
C8 2FZ E . 20.15 -31.57 -6.05
C9 2FZ E . 18.73 -26.99 -6.45
C10 2FZ E . 20.48 -25.43 -7.13
C11 2FZ E . 17.78 -26.07 -6.94
C12 2FZ E . 21.03 -33.96 -7.21
C13 2FZ E . 19.63 -30.30 -5.43
C14 2FZ E . 16.24 -30.65 -5.01
C15 2FZ E . 22.83 -25.76 -6.39
C16 2FZ E . 22.31 -24.64 -8.53
C17 2FZ E . 24.12 -24.96 -6.34
C18 2FZ E . 23.61 -23.81 -8.39
C19 2FZ E . 26.59 -23.61 -8.81
C20 2FZ E . 27.05 -24.62 -7.04
C21 2FZ E . 16.05 -27.21 -5.84
C22 2FZ E . 18.29 -28.28 -5.81
C23 2FZ E . 25.85 -23.77 -7.48
C24 2FZ E . 16.77 -28.54 -5.93
C25 2FZ E . 15.66 -32.70 -3.80
N26 2FZ E . 21.84 -25.05 -7.20
N27 2FZ E . 24.63 -24.59 -7.67
N28 2FZ E . 18.96 -29.49 -6.30
N29 2FZ E . 15.96 -31.28 -3.82
O30 2FZ E . 19.79 -30.03 -4.25
O31 2FZ E . 16.26 -31.19 -6.11
O32 2FZ E . 16.44 -26.33 -6.92
O33 2FZ E . 27.72 -24.37 -8.32
O34 2FZ E . 16.41 -29.31 -4.77
F35 2FZ E . 21.45 -35.11 -7.77
C7 2FZ F . 33.43 4.93 3.67
C6 2FZ F . 38.41 8.69 4.91
C1 2FZ F . 37.61 9.22 2.28
C5 2FZ F . 38.81 9.76 2.77
C4 2FZ F . 30.97 4.92 4.99
C3 2FZ F . 31.72 3.76 4.93
C2 2FZ F . 37.21 8.14 4.41
C8 2FZ F . 36.84 8.37 3.08
C9 2FZ F . 32.68 6.10 3.71
C10 2FZ F . 32.96 3.77 4.31
C11 2FZ F . 31.43 6.09 4.33
C12 2FZ F . 39.20 9.49 4.09
C13 2FZ F . 35.54 7.86 2.52
C14 2FZ F . 33.31 10.48 2.36
C15 2FZ F . 34.80 2.40 3.37
C16 2FZ F . 33.82 1.89 5.59
C17 2FZ F . 35.12 0.91 3.20
C18 2FZ F . 34.18 0.41 5.37
C19 2FZ F . 36.13 -1.90 5.45
C20 2FZ F . 37.01 -1.38 3.64
C21 2FZ F . 30.84 8.09 3.32
C22 2FZ F . 33.20 7.36 3.06
C23 2FZ F . 35.61 -1.16 4.21
C24 2FZ F . 32.27 8.58 3.32
C25 2FZ F . 34.26 12.34 1.08
N26 2FZ F . 33.67 2.56 4.29
N27 2FZ F . 35.37 0.26 4.50
N28 2FZ F . 34.54 7.73 3.47
N29 2FZ F . 33.46 11.14 1.16
O30 2FZ F . 35.34 7.64 1.33
O31 2FZ F . 33.81 10.82 3.41
O32 2FZ F . 30.63 7.19 4.42
O33 2FZ F . 37.43 -2.11 4.83
O34 2FZ F . 32.48 9.41 2.18
F35 2FZ F . 40.33 10.02 4.57
C7 2FZ G . 0.70 17.60 5.15
C6 2FZ G . 5.92 20.65 6.43
C1 2FZ G . 5.29 21.35 3.82
C5 2FZ G . 6.54 21.71 4.33
C4 2FZ G . -1.70 17.77 6.55
C3 2FZ G . -1.03 16.55 6.46
C2 2FZ G . 4.67 20.31 5.92
C8 2FZ G . 4.37 20.65 4.59
C9 2FZ G . 0.04 18.84 5.23
C10 2FZ G . 0.17 16.46 5.77
C11 2FZ G . -1.18 18.92 5.91
C12 2FZ G . 6.84 21.34 5.65
C13 2FZ G . 3.03 20.36 4.00
C14 2FZ G . 0.97 23.12 3.85
C15 2FZ G . 1.92 15.04 4.79
C16 2FZ G . 0.93 14.48 6.98
C17 2FZ G . 2.16 13.56 4.55
C18 2FZ G . 1.31 13.01 6.72
C19 2FZ G . 3.30 10.79 6.83
C20 2FZ G . 4.25 11.39 5.09
C21 2FZ G . -1.68 20.99 4.92
C22 2FZ G . 0.62 20.05 4.54
C23 2FZ G . 2.79 11.47 5.55
C24 2FZ G . -0.19 21.33 4.81
C25 2FZ G . 2.05 24.97 2.57
N26 2FZ G . 0.81 15.22 5.72
N27 2FZ G . 2.45 12.87 5.82
N28 2FZ G . 2.01 20.26 4.92
N29 2FZ G . 1.16 23.83 2.68
O30 2FZ G . 2.86 20.29 2.79
O31 2FZ G . 1.52 23.36 4.92
O32 2FZ G . -1.89 20.09 6.03
O33 2FZ G . 4.67 10.97 6.40
O34 2FZ G . 0.02 22.14 3.65
F35 2FZ G . 8.02 21.66 6.20
C7 2FZ H . -12.15 -12.97 -4.58
C6 2FZ H . -10.77 -18.80 -6.21
C1 2FZ H . -11.42 -18.84 -3.49
C5 2FZ H . -10.85 -19.98 -4.07
C4 2FZ H . -14.13 -11.34 -5.73
C3 2FZ H . -12.79 -10.97 -5.77
C2 2FZ H . -11.34 -17.68 -5.62
C8 2FZ H . -11.64 -17.71 -4.25
C9 2FZ H . -13.50 -13.38 -4.57
C10 2FZ H . -11.80 -11.77 -5.21
C11 2FZ H . -14.50 -12.55 -5.12
C12 2FZ H . -10.53 -19.94 -5.43
C13 2FZ H . -12.29 -16.54 -3.59
C14 2FZ H . -15.72 -17.15 -3.13
C15 2FZ H . -9.43 -12.01 -4.48
C16 2FZ H . -10.01 -10.82 -6.58
C17 2FZ H . -8.24 -11.05 -4.33
C18 2FZ H . -8.74 -9.99 -6.41
C19 2FZ H . -5.79 -9.87 -6.92
C20 2FZ H . -5.33 -10.89 -5.19
C21 2FZ H . -16.17 -13.63 -3.93
C22 2FZ H . -13.87 -14.67 -3.87
C23 2FZ H . -6.46 -9.93 -5.55
C24 2FZ H . -15.39 -14.95 -3.99
C25 2FZ H . -16.13 -19.30 -1.96
N26 2FZ H . -10.47 -11.36 -5.27
N27 2FZ H . -7.71 -10.71 -5.66
N28 2FZ H . -13.10 -15.78 -4.40
N29 2FZ H . -15.98 -17.85 -1.98
O30 2FZ H . -12.15 -16.36 -2.38
O31 2FZ H . -15.61 -17.65 -4.25
O32 2FZ H . -15.84 -12.86 -5.10
O33 2FZ H . -4.73 -10.75 -6.49
O34 2FZ H . -15.71 -15.78 -2.87
F35 2FZ H . -9.98 -21.01 -6.02
#